data_5G2B
#
_entry.id   5G2B
#
_cell.length_a   114.360
_cell.length_b   115.740
_cell.length_c   68.410
_cell.angle_alpha   90.00
_cell.angle_beta   108.70
_cell.angle_gamma   90.00
#
_symmetry.space_group_name_H-M   'C 1 2 1'
#
loop_
_entity.id
_entity.type
_entity.pdbx_description
1 polymer 'CLASS 1 PHOSPHODIESTERASE PDEB1'
2 non-polymer 'ZINC ION'
3 non-polymer 'MAGNESIUM ION'
4 non-polymer "N-(2-amino-2-oxoethyl)-5'-[(4aR,8aS)-3-cycloheptyl-4-oxo-3,4,4a,5,8,8a-hexahydrophthalazin-1-yl]-2'-methoxy[1,1'-biphenyl]-4-carboxamide"
5 non-polymer 'FORMIC ACID'
6 non-polymer GUANIDINE
7 non-polymer GLYCEROL
8 water water
#
_entity_poly.entity_id   1
_entity_poly.type   'polypeptide(L)'
_entity_poly.pdbx_seq_one_letter_code
;GSHMASELNEHRATLFNKNVPSRAVKRVTAITKVEREAVLVCELPSFDVTDVEFDLFRARESTDKPLDVAAAIAYRLLLG
SGLPQKFGCSDEVLLNFILQCRKKYRNVPYHNFYHVVDVCQTIHTFLYRGNVYEKLTELECFVLLITALVHDLDHMGLNN
SFYLKTESPLGILSSASGNTSVLEVHHCNLAVEILSDPESDVFDGLEGAERTLAFRSMIDCVLATDMAKHGSALEAFLAS
AADQSSDEAAFHRMTMEIILKAGDISNVTKPFDISRQWAMAVTEEFYRQGDMEKERGVEVLPMFDRSKNMELAKGQIGFI
DFVAAPFFQKIVDACLQGMQWTVDRIKSNRAQWERVLETR
;
_entity_poly.pdbx_strand_id   A,B
#
loop_
_chem_comp.id
_chem_comp.type
_chem_comp.name
_chem_comp.formula
FMT non-polymer 'FORMIC ACID' 'C H2 O2'
GAI non-polymer GUANIDINE 'C H5 N3'
GOL non-polymer GLYCEROL 'C3 H8 O3'
LQY non-polymer N-(2-amino-2-oxoethyl)-5'-[(4aR,8aS)-3-cycloheptyl-4-oxo-3,4,4a,5,8,8a-hexahydrophthalazin-1-yl]-2'-methoxy[1,1'-biphenyl]-4-carboxamide 'C31 H36 N4 O4'
MG non-polymer 'MAGNESIUM ION' 'Mg 2'
ZN non-polymer 'ZINC ION' 'Zn 2'
#
# COMPACT_ATOMS: atom_id res chain seq x y z
N VAL A 28 1.69 -44.09 -6.36
CA VAL A 28 1.07 -43.15 -5.37
C VAL A 28 0.01 -43.87 -4.51
N THR A 29 0.18 -43.85 -3.19
CA THR A 29 -0.82 -44.33 -2.21
C THR A 29 -2.05 -43.44 -2.26
N ALA A 30 -3.24 -44.05 -2.20
CA ALA A 30 -4.48 -43.27 -2.31
C ALA A 30 -4.66 -42.47 -1.04
N ILE A 31 -5.42 -41.38 -1.16
CA ILE A 31 -5.68 -40.50 -0.04
C ILE A 31 -6.70 -41.16 0.89
N THR A 32 -6.49 -41.00 2.21
CA THR A 32 -7.31 -41.60 3.27
C THR A 32 -8.47 -40.66 3.64
N LYS A 33 -9.57 -41.24 4.11
CA LYS A 33 -10.67 -40.47 4.70
C LYS A 33 -10.16 -39.44 5.73
N VAL A 34 -9.16 -39.83 6.50
CA VAL A 34 -8.63 -39.05 7.63
C VAL A 34 -7.86 -37.78 7.19
N GLU A 35 -7.06 -37.91 6.13
CA GLU A 35 -6.39 -36.78 5.49
C GLU A 35 -7.42 -35.78 4.96
N ARG A 36 -8.38 -36.24 4.17
CA ARG A 36 -9.50 -35.39 3.69
C ARG A 36 -10.17 -34.68 4.84
N GLU A 37 -10.57 -35.44 5.86
CA GLU A 37 -11.27 -34.89 7.03
C GLU A 37 -10.50 -33.71 7.64
N ALA A 38 -9.21 -33.88 7.79
CA ALA A 38 -8.35 -32.88 8.40
C ALA A 38 -8.30 -31.57 7.62
N VAL A 39 -8.48 -31.63 6.30
CA VAL A 39 -8.63 -30.40 5.51
C VAL A 39 -10.03 -29.82 5.72
N LEU A 40 -11.03 -30.68 5.63
CA LEU A 40 -12.43 -30.25 5.61
C LEU A 40 -12.84 -29.49 6.87
N VAL A 41 -12.34 -29.95 8.03
CA VAL A 41 -12.52 -29.21 9.31
C VAL A 41 -12.03 -27.74 9.33
N CYS A 42 -11.04 -27.36 8.52
CA CYS A 42 -10.56 -25.97 8.56
C CYS A 42 -11.61 -25.01 7.98
N GLU A 43 -11.95 -23.97 8.74
CA GLU A 43 -13.03 -23.05 8.34
C GLU A 43 -12.57 -21.66 7.89
N LEU A 44 -11.30 -21.30 8.11
CA LEU A 44 -10.74 -20.05 7.57
C LEU A 44 -11.56 -18.82 7.99
N PRO A 45 -11.97 -18.76 9.28
CA PRO A 45 -12.74 -17.62 9.76
C PRO A 45 -11.98 -16.31 9.56
N SER A 46 -12.68 -15.30 9.05
CA SER A 46 -12.10 -13.98 8.78
C SER A 46 -11.23 -13.83 7.50
N PHE A 47 -11.10 -14.88 6.67
CA PHE A 47 -10.32 -14.75 5.41
C PHE A 47 -11.31 -14.73 4.25
N ASP A 48 -11.11 -13.81 3.32
CA ASP A 48 -11.74 -13.88 1.98
C ASP A 48 -10.66 -14.30 0.97
N VAL A 49 -10.64 -15.58 0.66
CA VAL A 49 -9.70 -16.17 -0.34
C VAL A 49 -9.80 -15.56 -1.74
N THR A 50 -10.87 -14.82 -2.04
CA THR A 50 -11.02 -14.27 -3.34
C THR A 50 -10.49 -12.85 -3.48
N ASP A 51 -10.00 -12.25 -2.39
CA ASP A 51 -9.64 -10.83 -2.34
C ASP A 51 -8.22 -10.63 -2.79
N VAL A 52 -7.91 -9.51 -3.46
CA VAL A 52 -6.55 -9.25 -3.89
C VAL A 52 -5.56 -9.03 -2.74
N GLU A 53 -6.08 -8.81 -1.51
CA GLU A 53 -5.31 -8.59 -0.31
C GLU A 53 -5.39 -9.69 0.68
N PHE A 54 -5.97 -10.80 0.29
CA PHE A 54 -5.75 -12.00 1.01
C PHE A 54 -4.24 -12.19 1.32
N ASP A 55 -3.98 -12.70 2.53
CA ASP A 55 -2.64 -12.76 3.14
C ASP A 55 -2.46 -14.18 3.60
N LEU A 56 -1.82 -14.97 2.74
CA LEU A 56 -1.55 -16.37 3.04
C LEU A 56 -0.61 -16.57 4.23
N PHE A 57 0.20 -15.58 4.54
CA PHE A 57 1.13 -15.70 5.71
C PHE A 57 0.34 -15.62 7.06
N ARG A 58 -0.62 -14.67 7.13
CA ARG A 58 -1.59 -14.54 8.23
C ARG A 58 -2.36 -15.86 8.30
N ALA A 59 -2.79 -16.39 7.16
CA ALA A 59 -3.45 -17.72 7.16
C ALA A 59 -2.56 -18.88 7.70
N ARG A 60 -1.26 -18.88 7.42
CA ARG A 60 -0.44 -20.02 7.88
C ARG A 60 -0.24 -19.99 9.41
N GLU A 61 -0.07 -18.79 9.93
CA GLU A 61 -0.02 -18.58 11.38
C GLU A 61 -1.31 -18.95 12.13
N SER A 62 -2.44 -18.60 11.55
CA SER A 62 -3.73 -18.78 12.20
C SER A 62 -3.95 -20.14 12.87
N THR A 63 -3.21 -21.17 12.52
CA THR A 63 -3.30 -22.45 13.20
C THR A 63 -1.93 -23.06 13.26
N ASP A 64 -1.84 -24.15 13.95
CA ASP A 64 -0.59 -24.88 13.98
C ASP A 64 -0.61 -25.98 12.94
N LYS A 65 -1.66 -26.05 12.09
CA LYS A 65 -1.74 -27.00 10.94
C LYS A 65 -1.69 -26.24 9.58
N PRO A 66 -0.64 -25.47 9.37
CA PRO A 66 -0.63 -24.57 8.19
C PRO A 66 -0.84 -25.30 6.82
N LEU A 67 -0.35 -26.51 6.71
CA LEU A 67 -0.55 -27.30 5.50
C LEU A 67 -2.01 -27.66 5.22
N ASP A 68 -2.81 -27.91 6.24
CA ASP A 68 -4.24 -28.21 6.01
C ASP A 68 -5.02 -26.94 5.62
N VAL A 69 -4.68 -25.84 6.27
CA VAL A 69 -5.21 -24.55 5.98
C VAL A 69 -4.96 -24.22 4.49
N ALA A 70 -3.73 -24.39 4.03
CA ALA A 70 -3.39 -24.09 2.64
C ALA A 70 -4.22 -24.96 1.69
N ALA A 71 -4.26 -26.24 2.00
CA ALA A 71 -5.07 -27.18 1.27
C ALA A 71 -6.53 -26.76 1.16
N ALA A 72 -7.08 -26.25 2.26
CA ALA A 72 -8.50 -25.84 2.32
C ALA A 72 -8.71 -24.59 1.56
N ILE A 73 -7.68 -23.73 1.56
CA ILE A 73 -7.72 -22.50 0.75
C ILE A 73 -7.89 -22.89 -0.72
N ALA A 74 -7.16 -23.94 -1.15
CA ALA A 74 -7.15 -24.35 -2.53
C ALA A 74 -8.49 -25.00 -2.86
N TYR A 75 -8.95 -25.86 -1.96
CA TYR A 75 -10.25 -26.53 -2.09
C TYR A 75 -11.39 -25.51 -2.25
N ARG A 76 -11.34 -24.46 -1.45
CA ARG A 76 -12.35 -23.45 -1.43
C ARG A 76 -12.31 -22.62 -2.68
N LEU A 77 -11.10 -22.21 -3.10
CA LEU A 77 -10.95 -21.49 -4.33
C LEU A 77 -11.57 -22.26 -5.49
N LEU A 78 -11.30 -23.57 -5.58
CA LEU A 78 -11.78 -24.38 -6.72
C LEU A 78 -13.30 -24.59 -6.69
N LEU A 79 -13.82 -24.93 -5.51
CA LEU A 79 -15.27 -25.03 -5.34
C LEU A 79 -16.02 -23.73 -5.57
N GLY A 80 -15.48 -22.61 -5.13
CA GLY A 80 -16.12 -21.28 -5.27
C GLY A 80 -16.15 -20.77 -6.70
N SER A 81 -15.22 -21.24 -7.52
CA SER A 81 -15.28 -20.99 -8.94
C SER A 81 -16.53 -21.61 -9.62
N GLY A 82 -17.07 -22.70 -9.02
CA GLY A 82 -18.15 -23.47 -9.60
C GLY A 82 -17.68 -24.35 -10.76
N LEU A 83 -16.35 -24.45 -10.95
CA LEU A 83 -15.87 -25.12 -12.15
C LEU A 83 -15.80 -26.65 -12.04
N PRO A 84 -15.28 -27.19 -10.92
CA PRO A 84 -15.10 -28.64 -10.87
C PRO A 84 -16.38 -29.41 -11.11
N GLN A 85 -17.45 -28.92 -10.50
CA GLN A 85 -18.81 -29.44 -10.64
C GLN A 85 -19.21 -29.49 -12.14
N LYS A 86 -18.98 -28.42 -12.87
CA LYS A 86 -19.30 -28.42 -14.30
C LYS A 86 -18.62 -29.47 -15.16
N PHE A 87 -17.45 -29.96 -14.75
CA PHE A 87 -16.68 -30.88 -15.57
C PHE A 87 -16.65 -32.27 -14.96
N GLY A 88 -17.67 -32.59 -14.15
CA GLY A 88 -17.82 -33.91 -13.54
C GLY A 88 -16.74 -34.25 -12.56
N CYS A 89 -16.19 -33.28 -11.87
CA CYS A 89 -15.22 -33.58 -10.85
C CYS A 89 -15.90 -33.41 -9.51
N SER A 90 -15.99 -34.51 -8.79
CA SER A 90 -16.63 -34.55 -7.48
C SER A 90 -15.76 -33.83 -6.48
N ASP A 91 -16.38 -33.42 -5.38
CA ASP A 91 -15.66 -32.74 -4.29
C ASP A 91 -14.58 -33.61 -3.73
N GLU A 92 -14.78 -34.92 -3.73
CA GLU A 92 -13.78 -35.82 -3.18
C GLU A 92 -12.55 -36.03 -4.11
N VAL A 93 -12.80 -36.24 -5.40
CA VAL A 93 -11.71 -36.34 -6.35
C VAL A 93 -10.91 -35.02 -6.35
N LEU A 94 -11.59 -33.87 -6.28
CA LEU A 94 -10.89 -32.56 -6.16
C LEU A 94 -9.96 -32.48 -4.98
N LEU A 95 -10.46 -32.92 -3.83
CA LEU A 95 -9.64 -32.83 -2.63
C LEU A 95 -8.54 -33.91 -2.66
N ASN A 96 -8.82 -35.12 -3.15
CA ASN A 96 -7.75 -36.12 -3.29
C ASN A 96 -6.56 -35.57 -4.11
N PHE A 97 -6.91 -34.88 -5.20
CA PHE A 97 -5.93 -34.27 -6.07
C PHE A 97 -5.07 -33.24 -5.32
N ILE A 98 -5.74 -32.33 -4.60
CA ILE A 98 -5.04 -31.30 -3.85
C ILE A 98 -4.00 -31.96 -2.93
N LEU A 99 -4.41 -33.04 -2.26
CA LEU A 99 -3.57 -33.76 -1.31
C LEU A 99 -2.45 -34.56 -1.98
N GLN A 100 -2.75 -35.25 -3.09
CA GLN A 100 -1.67 -35.88 -3.90
C GLN A 100 -0.63 -34.85 -4.38
N CYS A 101 -1.09 -33.62 -4.73
CA CYS A 101 -0.17 -32.53 -5.05
C CYS A 101 0.65 -32.15 -3.86
N ARG A 102 -0.03 -31.97 -2.74
CA ARG A 102 0.66 -31.48 -1.54
C ARG A 102 1.77 -32.42 -1.06
N LYS A 103 1.57 -33.74 -1.12
CA LYS A 103 2.62 -34.70 -0.64
C LYS A 103 3.92 -34.67 -1.43
N LYS A 104 3.85 -34.09 -2.61
CA LYS A 104 4.99 -33.98 -3.49
C LYS A 104 5.67 -32.63 -3.44
N TYR A 105 5.30 -31.72 -2.52
CA TYR A 105 6.13 -30.49 -2.32
C TYR A 105 7.06 -30.73 -1.18
N ARG A 106 8.15 -29.98 -1.16
CA ARG A 106 9.18 -30.19 -0.17
C ARG A 106 9.27 -29.06 0.77
N ASN A 107 9.97 -29.35 1.84
CA ASN A 107 10.24 -28.41 2.87
C ASN A 107 11.44 -27.58 2.41
N VAL A 108 11.20 -26.60 1.57
CA VAL A 108 12.21 -25.60 1.17
C VAL A 108 11.65 -24.21 1.46
N PRO A 109 12.49 -23.17 1.47
CA PRO A 109 11.99 -21.89 1.91
C PRO A 109 10.93 -21.20 1.02
N TYR A 110 10.99 -21.40 -0.32
CA TYR A 110 10.15 -20.74 -1.30
C TYR A 110 9.29 -21.71 -2.15
N HIS A 111 9.89 -22.67 -2.89
CA HIS A 111 9.09 -23.54 -3.78
C HIS A 111 8.53 -24.73 -3.04
N ASN A 112 7.70 -24.43 -2.05
CA ASN A 112 6.99 -25.37 -1.28
C ASN A 112 5.48 -25.20 -1.60
N PHE A 113 4.62 -25.90 -0.90
CA PHE A 113 3.18 -25.97 -1.19
C PHE A 113 2.47 -24.62 -1.05
N TYR A 114 2.97 -23.76 -0.19
CA TYR A 114 2.37 -22.46 0.02
C TYR A 114 2.57 -21.59 -1.20
N HIS A 115 3.67 -21.78 -1.91
CA HIS A 115 3.86 -21.04 -3.15
C HIS A 115 2.82 -21.37 -4.22
N VAL A 116 2.53 -22.65 -4.37
CA VAL A 116 1.58 -23.06 -5.42
C VAL A 116 0.12 -22.73 -5.07
N VAL A 117 -0.23 -22.86 -3.79
CA VAL A 117 -1.48 -22.29 -3.28
C VAL A 117 -1.59 -20.78 -3.51
N ASP A 118 -0.53 -20.03 -3.24
CA ASP A 118 -0.47 -18.61 -3.48
C ASP A 118 -0.71 -18.33 -4.98
N VAL A 119 -0.06 -19.12 -5.85
CA VAL A 119 -0.22 -18.94 -7.32
C VAL A 119 -1.68 -19.21 -7.76
N CYS A 120 -2.27 -20.29 -7.25
CA CYS A 120 -3.64 -20.66 -7.44
C CYS A 120 -4.65 -19.52 -7.07
N GLN A 121 -4.47 -18.98 -5.88
CA GLN A 121 -5.26 -17.84 -5.35
C GLN A 121 -5.02 -16.62 -6.20
N THR A 122 -3.78 -16.41 -6.58
CA THR A 122 -3.47 -15.19 -7.28
C THR A 122 -4.13 -15.22 -8.66
N ILE A 123 -4.01 -16.37 -9.31
CA ILE A 123 -4.69 -16.63 -10.61
C ILE A 123 -6.18 -16.46 -10.49
N HIS A 124 -6.76 -16.95 -9.39
CA HIS A 124 -8.18 -16.74 -9.16
C HIS A 124 -8.55 -15.25 -9.21
N THR A 125 -7.71 -14.40 -8.63
CA THR A 125 -7.99 -13.00 -8.62
C THR A 125 -7.80 -12.37 -9.99
N PHE A 126 -6.77 -12.80 -10.73
CA PHE A 126 -6.57 -12.27 -12.10
C PHE A 126 -7.79 -12.62 -13.00
N LEU A 127 -8.28 -13.85 -12.85
CA LEU A 127 -9.41 -14.32 -13.65
C LEU A 127 -10.70 -13.57 -13.27
N TYR A 128 -10.97 -13.45 -11.97
CA TYR A 128 -12.30 -13.05 -11.47
C TYR A 128 -12.39 -11.64 -10.90
N ARG A 129 -11.32 -11.10 -10.28
CA ARG A 129 -11.25 -9.63 -10.01
C ARG A 129 -10.76 -8.89 -11.23
N GLY A 130 -9.80 -9.44 -11.97
CA GLY A 130 -9.31 -8.79 -13.20
C GLY A 130 -10.05 -9.12 -14.48
N ASN A 131 -11.08 -9.95 -14.39
CA ASN A 131 -11.95 -10.25 -15.57
C ASN A 131 -11.27 -10.91 -16.74
N VAL A 132 -10.11 -11.50 -16.50
CA VAL A 132 -9.44 -12.27 -17.50
C VAL A 132 -10.25 -13.54 -17.81
N TYR A 133 -11.10 -14.02 -16.91
CA TYR A 133 -12.04 -15.15 -17.22
C TYR A 133 -12.79 -14.93 -18.56
N GLU A 134 -13.06 -13.66 -18.93
CA GLU A 134 -13.81 -13.33 -20.15
C GLU A 134 -13.07 -13.73 -21.40
N LYS A 135 -11.76 -13.90 -21.31
CA LYS A 135 -10.97 -14.20 -22.50
C LYS A 135 -10.86 -15.75 -22.74
N LEU A 136 -11.25 -16.56 -21.74
CA LEU A 136 -11.05 -18.02 -21.72
C LEU A 136 -12.38 -18.82 -21.58
N THR A 137 -12.37 -20.10 -21.87
CA THR A 137 -13.53 -20.92 -21.69
C THR A 137 -13.53 -21.27 -20.21
N GLU A 138 -14.64 -21.80 -19.75
CA GLU A 138 -14.69 -22.32 -18.38
C GLU A 138 -13.67 -23.44 -18.13
N LEU A 139 -13.48 -24.27 -19.15
CA LEU A 139 -12.55 -25.40 -19.01
C LEU A 139 -11.15 -24.87 -18.79
N GLU A 140 -10.76 -23.88 -19.60
CA GLU A 140 -9.50 -23.24 -19.49
C GLU A 140 -9.29 -22.57 -18.15
N CYS A 141 -10.25 -21.81 -17.65
CA CYS A 141 -10.26 -21.35 -16.25
C CYS A 141 -10.00 -22.49 -15.24
N PHE A 142 -10.71 -23.60 -15.43
CA PHE A 142 -10.58 -24.74 -14.52
C PHE A 142 -9.13 -25.26 -14.63
N VAL A 143 -8.65 -25.44 -15.86
CA VAL A 143 -7.30 -25.97 -16.06
C VAL A 143 -6.29 -25.08 -15.43
N LEU A 144 -6.48 -23.75 -15.48
CA LEU A 144 -5.50 -22.86 -14.93
C LEU A 144 -5.42 -22.99 -13.44
N LEU A 145 -6.56 -23.05 -12.79
CA LEU A 145 -6.57 -23.17 -11.34
C LEU A 145 -5.92 -24.51 -10.86
N ILE A 146 -6.14 -25.59 -11.59
CA ILE A 146 -5.54 -26.89 -11.26
C ILE A 146 -4.03 -26.86 -11.53
N THR A 147 -3.65 -26.27 -12.67
CA THR A 147 -2.29 -26.24 -13.09
C THR A 147 -1.45 -25.51 -12.06
N ALA A 148 -2.00 -24.45 -11.47
CA ALA A 148 -1.29 -23.76 -10.42
C ALA A 148 -0.69 -24.69 -9.35
N LEU A 149 -1.47 -25.65 -8.94
CA LEU A 149 -1.10 -26.55 -7.86
C LEU A 149 -0.09 -27.63 -8.31
N VAL A 150 0.04 -27.91 -9.62
CA VAL A 150 1.02 -28.89 -10.09
C VAL A 150 2.36 -28.26 -10.53
N HIS A 151 2.45 -26.93 -10.63
CA HIS A 151 3.41 -26.38 -11.50
C HIS A 151 4.84 -26.37 -11.00
N ASP A 152 5.06 -26.60 -9.71
CA ASP A 152 6.45 -26.72 -9.17
C ASP A 152 6.63 -28.05 -8.40
N LEU A 153 5.86 -29.06 -8.74
CA LEU A 153 5.89 -30.33 -7.99
C LEU A 153 7.33 -30.87 -7.81
N ASP A 154 7.68 -31.20 -6.56
CA ASP A 154 8.95 -31.84 -6.21
C ASP A 154 10.13 -30.92 -6.48
N HIS A 155 9.91 -29.61 -6.32
CA HIS A 155 10.97 -28.68 -6.50
C HIS A 155 11.90 -28.83 -5.30
N MET A 156 13.20 -28.74 -5.49
CA MET A 156 14.18 -29.16 -4.46
C MET A 156 14.96 -27.92 -3.92
N GLY A 157 14.45 -26.74 -4.24
CA GLY A 157 15.09 -25.43 -4.06
C GLY A 157 16.28 -25.03 -4.92
N LEU A 158 16.45 -25.73 -6.04
CA LEU A 158 17.58 -25.51 -6.94
C LEU A 158 17.00 -25.29 -8.30
N ASN A 159 17.56 -24.33 -9.02
CA ASN A 159 17.06 -23.96 -10.32
C ASN A 159 17.68 -24.84 -11.41
N ASN A 160 17.20 -24.71 -12.64
CA ASN A 160 17.68 -25.57 -13.70
C ASN A 160 19.20 -25.47 -13.88
N SER A 161 19.71 -24.24 -13.83
CA SER A 161 21.13 -23.96 -13.94
C SER A 161 22.01 -24.79 -12.99
N PHE A 162 21.56 -25.00 -11.77
CA PHE A 162 22.25 -25.84 -10.84
C PHE A 162 22.49 -27.28 -11.33
N TYR A 163 21.43 -27.91 -11.82
CA TYR A 163 21.48 -29.28 -12.30
C TYR A 163 22.39 -29.35 -13.53
N LEU A 164 22.36 -28.36 -14.43
CA LEU A 164 23.23 -28.42 -15.58
C LEU A 164 24.74 -28.20 -15.21
N LYS A 165 25.04 -27.22 -14.37
CA LYS A 165 26.41 -26.89 -14.02
C LYS A 165 27.08 -27.97 -13.20
N THR A 166 26.33 -28.67 -12.39
CA THR A 166 26.91 -29.69 -11.59
C THR A 166 26.89 -31.06 -12.29
N GLU A 167 26.39 -31.17 -13.54
CA GLU A 167 26.27 -32.47 -14.26
C GLU A 167 25.59 -33.49 -13.38
N SER A 168 24.52 -33.03 -12.71
CA SER A 168 23.74 -33.94 -11.90
C SER A 168 22.95 -34.87 -12.86
N PRO A 169 22.52 -36.04 -12.37
CA PRO A 169 21.82 -36.99 -13.26
C PRO A 169 20.62 -36.43 -14.02
N LEU A 170 19.82 -35.61 -13.36
CA LEU A 170 18.66 -35.00 -14.07
C LEU A 170 19.14 -33.97 -15.13
N GLY A 171 20.24 -33.30 -14.84
CA GLY A 171 20.85 -32.35 -15.80
C GLY A 171 21.36 -33.05 -17.04
N ILE A 172 21.96 -34.23 -16.83
CA ILE A 172 22.52 -35.01 -17.93
C ILE A 172 21.37 -35.50 -18.81
N LEU A 173 20.34 -36.02 -18.17
CA LEU A 173 19.15 -36.51 -18.88
C LEU A 173 18.53 -35.42 -19.72
N SER A 174 18.38 -34.23 -19.13
CA SER A 174 17.83 -33.08 -19.89
C SER A 174 18.71 -32.70 -21.08
N SER A 175 20.03 -32.66 -20.90
CA SER A 175 20.91 -32.32 -22.04
C SER A 175 20.82 -33.43 -23.08
N ALA A 176 20.88 -34.68 -22.64
CA ALA A 176 20.88 -35.81 -23.59
C ALA A 176 19.56 -35.83 -24.34
N SER A 177 18.45 -35.46 -23.69
CA SER A 177 17.14 -35.49 -24.34
C SER A 177 16.76 -34.25 -25.11
N GLY A 178 17.57 -33.21 -25.02
CA GLY A 178 17.36 -32.01 -25.82
C GLY A 178 16.38 -30.98 -25.26
N ASN A 179 15.94 -31.14 -24.00
CA ASN A 179 15.15 -30.10 -23.31
C ASN A 179 15.88 -29.57 -22.09
N THR A 180 16.28 -28.30 -22.17
CA THR A 180 16.90 -27.61 -21.04
C THR A 180 15.97 -27.24 -19.87
N SER A 181 14.65 -27.33 -20.03
CA SER A 181 13.76 -27.05 -18.88
C SER A 181 13.71 -28.23 -17.94
N VAL A 182 14.83 -28.46 -17.21
CA VAL A 182 14.97 -29.60 -16.29
C VAL A 182 13.78 -29.74 -15.33
N LEU A 183 13.49 -28.68 -14.60
CA LEU A 183 12.49 -28.81 -13.56
C LEU A 183 11.07 -28.90 -14.15
N GLU A 184 10.81 -28.14 -15.20
CA GLU A 184 9.42 -28.03 -15.69
C GLU A 184 8.94 -29.34 -16.27
N VAL A 185 9.84 -30.04 -16.97
CA VAL A 185 9.49 -31.35 -17.50
C VAL A 185 9.22 -32.34 -16.32
N HIS A 186 10.01 -32.28 -15.28
CA HIS A 186 9.82 -33.04 -14.06
C HIS A 186 8.48 -32.77 -13.42
N HIS A 187 8.10 -31.49 -13.29
CA HIS A 187 6.81 -31.18 -12.70
C HIS A 187 5.74 -31.78 -13.56
N CYS A 188 5.88 -31.71 -14.87
CA CYS A 188 4.84 -32.20 -15.75
C CYS A 188 4.71 -33.72 -15.62
N ASN A 189 5.83 -34.42 -15.46
CA ASN A 189 5.80 -35.85 -15.27
C ASN A 189 5.05 -36.28 -14.00
N LEU A 190 5.22 -35.54 -12.91
CA LEU A 190 4.54 -35.85 -11.68
C LEU A 190 3.04 -35.47 -11.74
N ALA A 191 2.70 -34.47 -12.55
CA ALA A 191 1.30 -34.07 -12.66
C ALA A 191 0.55 -35.18 -13.39
N VAL A 192 1.16 -35.67 -14.47
CA VAL A 192 0.63 -36.78 -15.26
C VAL A 192 0.44 -38.03 -14.36
N GLU A 193 1.40 -38.35 -13.47
CA GLU A 193 1.24 -39.56 -12.64
C GLU A 193 0.05 -39.37 -11.68
N ILE A 194 -0.08 -38.24 -11.00
CA ILE A 194 -1.27 -37.98 -10.17
C ILE A 194 -2.58 -38.15 -10.94
N LEU A 195 -2.63 -37.63 -12.15
CA LEU A 195 -3.87 -37.69 -12.93
C LEU A 195 -4.18 -39.04 -13.58
N SER A 196 -3.23 -39.97 -13.48
CA SER A 196 -3.41 -41.30 -14.12
C SER A 196 -4.22 -42.27 -13.21
N ASP A 197 -4.38 -41.89 -11.94
CA ASP A 197 -5.36 -42.53 -11.06
C ASP A 197 -6.75 -41.82 -11.09
N PRO A 198 -7.84 -42.53 -11.51
CA PRO A 198 -9.18 -41.88 -11.47
C PRO A 198 -9.56 -41.19 -10.12
N GLU A 199 -9.11 -41.74 -8.98
CA GLU A 199 -9.34 -41.16 -7.64
C GLU A 199 -8.85 -39.74 -7.47
N SER A 200 -7.87 -39.31 -8.29
CA SER A 200 -7.28 -38.00 -8.18
C SER A 200 -7.17 -37.30 -9.54
N ASP A 201 -7.95 -37.76 -10.52
CA ASP A 201 -7.97 -37.18 -11.83
C ASP A 201 -9.12 -36.18 -11.88
N VAL A 202 -8.81 -34.90 -11.65
CA VAL A 202 -9.81 -33.79 -11.80
C VAL A 202 -10.38 -33.65 -13.23
N PHE A 203 -9.76 -34.33 -14.20
CA PHE A 203 -10.18 -34.30 -15.59
C PHE A 203 -10.87 -35.57 -16.04
N ASP A 204 -11.17 -36.49 -15.12
CA ASP A 204 -11.73 -37.80 -15.50
C ASP A 204 -13.14 -37.62 -16.10
N GLY A 205 -13.83 -36.55 -15.73
CA GLY A 205 -15.13 -36.23 -16.33
C GLY A 205 -15.05 -35.75 -17.78
N LEU A 206 -13.85 -35.57 -18.29
CA LEU A 206 -13.67 -35.18 -19.70
C LEU A 206 -13.34 -36.32 -20.61
N GLU A 207 -13.54 -36.08 -21.90
CA GLU A 207 -13.13 -37.04 -22.89
C GLU A 207 -12.83 -36.37 -24.22
N GLY A 208 -12.24 -37.16 -25.11
CA GLY A 208 -11.98 -36.73 -26.48
C GLY A 208 -11.21 -35.41 -26.48
N ALA A 209 -11.66 -34.47 -27.32
CA ALA A 209 -10.97 -33.20 -27.48
C ALA A 209 -10.77 -32.44 -26.16
N GLU A 210 -11.79 -32.40 -25.34
CA GLU A 210 -11.71 -31.64 -24.10
C GLU A 210 -10.60 -32.18 -23.19
N ARG A 211 -10.50 -33.49 -23.10
CA ARG A 211 -9.49 -34.12 -22.21
C ARG A 211 -8.09 -33.84 -22.69
N THR A 212 -7.93 -33.97 -24.00
CA THR A 212 -6.69 -33.67 -24.63
C THR A 212 -6.34 -32.20 -24.38
N LEU A 213 -7.31 -31.30 -24.53
CA LEU A 213 -7.06 -29.88 -24.31
C LEU A 213 -6.64 -29.63 -22.88
N ALA A 214 -7.27 -30.30 -21.92
CA ALA A 214 -6.93 -30.05 -20.54
C ALA A 214 -5.50 -30.46 -20.29
N PHE A 215 -5.11 -31.66 -20.76
CA PHE A 215 -3.73 -32.08 -20.54
C PHE A 215 -2.73 -31.22 -21.30
N ARG A 216 -3.00 -30.92 -22.56
CA ARG A 216 -2.02 -30.20 -23.34
C ARG A 216 -1.80 -28.80 -22.79
N SER A 217 -2.87 -28.11 -22.42
CA SER A 217 -2.78 -26.74 -21.93
C SER A 217 -2.16 -26.72 -20.57
N MET A 218 -2.45 -27.68 -19.73
CA MET A 218 -1.76 -27.72 -18.47
C MET A 218 -0.23 -27.89 -18.67
N ILE A 219 0.14 -28.85 -19.52
CA ILE A 219 1.56 -29.09 -19.76
C ILE A 219 2.25 -27.85 -20.43
N ASP A 220 1.61 -27.29 -21.44
CA ASP A 220 2.15 -26.08 -22.11
C ASP A 220 2.38 -24.93 -21.07
N CYS A 221 1.42 -24.70 -20.15
CA CYS A 221 1.60 -23.64 -19.15
C CYS A 221 2.75 -23.96 -18.23
N VAL A 222 2.94 -25.17 -17.75
CA VAL A 222 4.02 -25.47 -16.84
C VAL A 222 5.33 -25.30 -17.57
N LEU A 223 5.40 -25.76 -18.84
CA LEU A 223 6.64 -25.61 -19.63
C LEU A 223 6.94 -24.11 -19.83
N ALA A 224 5.91 -23.28 -19.97
CA ALA A 224 6.13 -21.82 -20.12
C ALA A 224 6.60 -21.07 -18.84
N THR A 225 6.57 -21.69 -17.69
CA THR A 225 7.06 -21.02 -16.52
C THR A 225 8.58 -21.02 -16.42
N ASP A 226 9.29 -21.73 -17.30
CA ASP A 226 10.76 -21.65 -17.30
C ASP A 226 11.15 -20.21 -17.64
N MET A 227 11.76 -19.52 -16.71
CA MET A 227 12.12 -18.10 -16.93
C MET A 227 13.13 -17.89 -18.05
N ALA A 228 13.80 -18.94 -18.52
CA ALA A 228 14.67 -18.78 -19.68
C ALA A 228 13.86 -18.43 -20.91
N LYS A 229 12.56 -18.70 -20.90
CA LYS A 229 11.71 -18.48 -22.07
C LYS A 229 10.85 -17.21 -21.81
N HIS A 230 11.20 -16.43 -20.80
CA HIS A 230 10.32 -15.30 -20.35
C HIS A 230 10.03 -14.33 -21.49
N GLY A 231 11.10 -13.90 -22.14
CA GLY A 231 11.06 -12.84 -23.13
C GLY A 231 10.28 -13.29 -24.35
N SER A 232 10.47 -14.53 -24.78
CA SER A 232 9.81 -14.96 -25.95
C SER A 232 8.33 -15.34 -25.71
N ALA A 233 7.97 -15.84 -24.53
CA ALA A 233 6.58 -16.04 -24.20
C ALA A 233 5.83 -14.69 -24.06
N LEU A 234 6.43 -13.72 -23.40
CA LEU A 234 5.87 -12.38 -23.39
C LEU A 234 5.69 -11.78 -24.79
N GLU A 235 6.73 -11.84 -25.63
CA GLU A 235 6.60 -11.28 -26.98
C GLU A 235 5.56 -11.98 -27.87
N ALA A 236 5.47 -13.31 -27.76
CA ALA A 236 4.46 -14.03 -28.50
C ALA A 236 3.03 -13.63 -28.10
N PHE A 237 2.75 -13.58 -26.80
CA PHE A 237 1.45 -13.13 -26.32
C PHE A 237 1.10 -11.71 -26.78
N LEU A 238 2.05 -10.80 -26.66
CA LEU A 238 1.84 -9.41 -27.07
C LEU A 238 1.51 -9.28 -28.55
N ALA A 239 2.18 -10.07 -29.38
CA ALA A 239 1.94 -10.02 -30.80
C ALA A 239 0.62 -10.70 -31.19
N SER A 240 0.25 -11.75 -30.47
CA SER A 240 -1.04 -12.32 -30.64
C SER A 240 -2.17 -11.36 -30.20
N ALA A 241 -2.05 -10.70 -29.03
CA ALA A 241 -3.07 -9.73 -28.58
C ALA A 241 -3.24 -8.56 -29.53
N ALA A 242 -2.17 -8.12 -30.14
CA ALA A 242 -2.31 -6.95 -31.02
C ALA A 242 -2.91 -7.33 -32.39
N ASP A 243 -3.03 -8.64 -32.66
CA ASP A 243 -3.41 -9.14 -33.99
C ASP A 243 -4.84 -9.58 -33.91
N GLN A 244 -5.74 -8.75 -34.41
CA GLN A 244 -7.15 -9.18 -34.46
C GLN A 244 -7.40 -10.42 -35.30
N SER A 245 -6.44 -10.89 -36.08
CA SER A 245 -6.58 -12.14 -36.80
C SER A 245 -5.78 -13.28 -36.26
N SER A 246 -5.33 -13.17 -35.01
CA SER A 246 -4.58 -14.24 -34.43
C SER A 246 -5.45 -15.45 -34.44
N ASP A 247 -4.83 -16.61 -34.59
CA ASP A 247 -5.56 -17.84 -34.38
C ASP A 247 -6.11 -17.85 -32.96
N GLU A 248 -7.38 -18.19 -32.87
CA GLU A 248 -8.15 -18.03 -31.63
C GLU A 248 -7.69 -19.08 -30.56
N ALA A 249 -7.49 -20.32 -30.96
CA ALA A 249 -7.01 -21.30 -30.05
C ALA A 249 -5.57 -20.96 -29.59
N ALA A 250 -4.71 -20.50 -30.48
CA ALA A 250 -3.40 -20.08 -30.05
C ALA A 250 -3.46 -18.89 -29.02
N PHE A 251 -4.34 -17.92 -29.24
CA PHE A 251 -4.48 -16.77 -28.34
C PHE A 251 -4.94 -17.25 -26.95
N HIS A 252 -5.86 -18.15 -26.94
CA HIS A 252 -6.26 -18.76 -25.65
C HIS A 252 -5.10 -19.42 -24.92
N ARG A 253 -4.36 -20.26 -25.62
CA ARG A 253 -3.26 -20.98 -25.01
C ARG A 253 -2.24 -20.03 -24.43
N MET A 254 -1.87 -19.04 -25.23
CA MET A 254 -0.91 -18.06 -24.78
C MET A 254 -1.42 -17.23 -23.60
N THR A 255 -2.73 -16.96 -23.57
CA THR A 255 -3.33 -16.21 -22.48
C THR A 255 -3.18 -17.04 -21.20
N MET A 256 -3.44 -18.35 -21.31
CA MET A 256 -3.28 -19.26 -20.18
C MET A 256 -1.81 -19.30 -19.67
N GLU A 257 -0.88 -19.38 -20.59
CA GLU A 257 0.55 -19.34 -20.30
C GLU A 257 0.97 -18.04 -19.59
N ILE A 258 0.49 -16.92 -20.07
CA ILE A 258 0.84 -15.62 -19.54
C ILE A 258 0.19 -15.47 -18.15
N ILE A 259 -1.00 -16.02 -17.93
CA ILE A 259 -1.63 -15.93 -16.63
C ILE A 259 -0.90 -16.78 -15.62
N LEU A 260 -0.43 -17.97 -16.00
CA LEU A 260 0.32 -18.75 -15.05
C LEU A 260 1.66 -18.06 -14.80
N LYS A 261 2.29 -17.50 -15.83
CA LYS A 261 3.56 -16.82 -15.58
C LYS A 261 3.34 -15.62 -14.63
N ALA A 262 2.20 -14.92 -14.81
CA ALA A 262 1.90 -13.73 -14.01
C ALA A 262 1.75 -14.13 -12.56
N GLY A 263 1.02 -15.19 -12.31
CA GLY A 263 0.93 -15.78 -10.98
C GLY A 263 2.30 -16.02 -10.37
N ASP A 264 3.19 -16.56 -11.17
CA ASP A 264 4.49 -16.98 -10.67
C ASP A 264 5.41 -15.81 -10.37
N ILE A 265 5.26 -14.63 -11.02
CA ILE A 265 6.03 -13.47 -10.62
C ILE A 265 5.18 -12.40 -9.96
N SER A 266 4.09 -12.79 -9.37
CA SER A 266 3.10 -11.87 -8.78
C SER A 266 3.46 -11.35 -7.36
N ASN A 267 4.58 -11.83 -6.79
CA ASN A 267 4.93 -11.48 -5.40
C ASN A 267 5.00 -9.98 -5.20
N VAL A 268 5.53 -9.27 -6.19
CA VAL A 268 5.69 -7.85 -6.11
C VAL A 268 4.40 -7.03 -6.39
N THR A 269 3.30 -7.72 -6.77
CA THR A 269 2.02 -7.07 -7.00
C THR A 269 1.09 -7.08 -5.76
N LYS A 270 1.58 -7.61 -4.64
CA LYS A 270 0.85 -7.82 -3.38
C LYS A 270 1.14 -6.72 -2.39
N PRO A 271 0.33 -6.63 -1.32
CA PRO A 271 0.65 -5.59 -0.32
C PRO A 271 2.09 -5.74 0.18
N PHE A 272 2.75 -4.61 0.34
CA PHE A 272 4.17 -4.53 0.71
C PHE A 272 4.65 -5.60 1.68
N ASP A 273 3.97 -5.81 2.81
CA ASP A 273 4.48 -6.76 3.83
C ASP A 273 4.47 -8.15 3.34
N ILE A 274 3.40 -8.50 2.60
CA ILE A 274 3.30 -9.81 1.95
C ILE A 274 4.45 -10.02 0.97
N SER A 275 4.61 -9.06 0.06
CA SER A 275 5.68 -9.04 -0.96
C SER A 275 7.06 -9.23 -0.31
N ARG A 276 7.29 -8.49 0.78
CA ARG A 276 8.53 -8.57 1.52
C ARG A 276 8.77 -9.94 2.09
N GLN A 277 7.77 -10.55 2.69
CA GLN A 277 7.97 -11.92 3.21
C GLN A 277 8.22 -12.96 2.07
N TRP A 278 7.58 -12.79 0.93
CA TRP A 278 7.95 -13.60 -0.23
C TRP A 278 9.44 -13.36 -0.55
N ALA A 279 9.83 -12.12 -0.64
CA ALA A 279 11.18 -11.79 -1.06
C ALA A 279 12.22 -12.42 -0.16
N MET A 280 11.96 -12.46 1.14
CA MET A 280 12.84 -13.10 2.10
C MET A 280 12.93 -14.60 1.90
N ALA A 281 11.78 -15.24 1.68
CA ALA A 281 11.73 -16.65 1.34
C ALA A 281 12.56 -17.03 0.08
N VAL A 282 12.38 -16.30 -1.02
CA VAL A 282 13.13 -16.60 -2.26
C VAL A 282 14.61 -16.36 -2.06
N THR A 283 14.92 -15.22 -1.42
CA THR A 283 16.28 -14.80 -1.18
C THR A 283 17.03 -15.88 -0.44
N GLU A 284 16.38 -16.45 0.58
CA GLU A 284 17.02 -17.48 1.34
C GLU A 284 17.29 -18.72 0.51
N GLU A 285 16.26 -19.19 -0.20
CA GLU A 285 16.41 -20.32 -1.08
C GLU A 285 17.55 -20.09 -2.07
N PHE A 286 17.60 -18.92 -2.69
CA PHE A 286 18.71 -18.65 -3.60
C PHE A 286 20.06 -18.80 -2.87
N TYR A 287 20.15 -18.24 -1.66
CA TYR A 287 21.42 -18.29 -0.96
C TYR A 287 21.87 -19.70 -0.66
N ARG A 288 20.89 -20.57 -0.34
CA ARG A 288 21.22 -21.95 -0.10
C ARG A 288 21.81 -22.56 -1.37
N GLN A 289 21.20 -22.27 -2.53
CA GLN A 289 21.72 -22.84 -3.77
C GLN A 289 23.18 -22.44 -3.92
N GLY A 290 23.43 -21.14 -3.85
CA GLY A 290 24.77 -20.54 -3.81
C GLY A 290 25.76 -21.12 -2.83
N ASP A 291 25.30 -21.53 -1.66
CA ASP A 291 26.15 -22.23 -0.71
C ASP A 291 26.55 -23.58 -1.28
N MET A 292 25.58 -24.34 -1.77
CA MET A 292 25.88 -25.64 -2.40
C MET A 292 26.77 -25.49 -3.64
N GLU A 293 26.58 -24.44 -4.42
CA GLU A 293 27.42 -24.20 -5.57
C GLU A 293 28.90 -23.91 -5.17
N LYS A 294 29.09 -23.28 -4.00
CA LYS A 294 30.41 -23.04 -3.41
C LYS A 294 31.05 -24.36 -2.99
N GLU A 295 30.33 -25.12 -2.17
CA GLU A 295 30.79 -26.42 -1.71
C GLU A 295 31.09 -27.37 -2.89
N ARG A 296 30.44 -27.21 -4.05
CA ARG A 296 30.77 -28.02 -5.27
C ARG A 296 31.80 -27.43 -6.20
N GLY A 297 32.26 -26.22 -5.92
CA GLY A 297 33.15 -25.52 -6.79
C GLY A 297 32.59 -25.26 -8.17
N VAL A 298 31.32 -24.84 -8.28
CA VAL A 298 30.78 -24.32 -9.58
C VAL A 298 30.47 -22.81 -9.46
N GLU A 299 30.20 -22.16 -10.58
CA GLU A 299 29.90 -20.75 -10.62
C GLU A 299 28.68 -20.37 -9.77
N VAL A 300 28.86 -19.30 -8.99
CA VAL A 300 27.84 -18.74 -8.09
C VAL A 300 27.51 -17.34 -8.61
N LEU A 301 26.24 -17.10 -8.94
CA LEU A 301 25.86 -15.76 -9.38
C LEU A 301 25.78 -14.83 -8.14
N PRO A 302 26.02 -13.50 -8.35
CA PRO A 302 25.99 -12.54 -7.22
C PRO A 302 24.73 -12.64 -6.42
N MET A 303 23.60 -12.65 -7.14
CA MET A 303 22.26 -12.94 -6.62
C MET A 303 22.14 -14.10 -5.62
N PHE A 304 22.94 -15.16 -5.77
CA PHE A 304 22.85 -16.35 -4.94
C PHE A 304 23.95 -16.37 -3.91
N ASP A 305 24.74 -15.30 -3.86
CA ASP A 305 25.98 -15.29 -3.08
C ASP A 305 25.74 -14.58 -1.73
N ARG A 306 25.68 -15.31 -0.63
CA ARG A 306 25.43 -14.67 0.70
C ARG A 306 26.34 -13.45 0.99
N SER A 307 27.64 -13.70 0.98
CA SER A 307 28.63 -12.67 1.32
C SER A 307 28.68 -11.49 0.35
N LYS A 308 27.85 -11.49 -0.69
CA LYS A 308 27.85 -10.44 -1.70
C LYS A 308 26.63 -9.45 -1.62
N ASN A 309 25.78 -9.56 -0.59
CA ASN A 309 24.64 -8.63 -0.44
C ASN A 309 24.26 -8.34 0.95
N MET A 310 23.96 -7.06 1.15
CA MET A 310 23.44 -6.53 2.41
C MET A 310 21.95 -6.13 2.33
N GLU A 311 21.30 -6.10 1.14
CA GLU A 311 19.89 -5.63 1.10
C GLU A 311 18.89 -5.99 -0.02
N LEU A 312 17.76 -6.47 0.46
CA LEU A 312 16.48 -6.57 -0.27
C LEU A 312 16.15 -5.40 -1.17
N ALA A 313 16.23 -4.17 -0.64
CA ALA A 313 15.60 -3.04 -1.31
C ALA A 313 16.05 -2.91 -2.73
N LYS A 314 17.36 -2.92 -2.89
CA LYS A 314 17.96 -2.78 -4.20
C LYS A 314 17.58 -3.96 -5.14
N GLY A 315 17.45 -5.14 -4.58
CA GLY A 315 17.11 -6.33 -5.31
C GLY A 315 15.66 -6.35 -5.75
N GLN A 316 14.76 -5.96 -4.84
CA GLN A 316 13.36 -5.81 -5.20
C GLN A 316 13.13 -4.81 -6.26
N ILE A 317 13.80 -3.67 -6.15
CA ILE A 317 13.69 -2.60 -7.12
C ILE A 317 14.22 -3.08 -8.47
N GLY A 318 15.32 -3.82 -8.42
CA GLY A 318 15.92 -4.35 -9.65
C GLY A 318 14.96 -5.28 -10.37
N PHE A 319 14.35 -6.16 -9.60
CA PHE A 319 13.41 -7.14 -10.12
C PHE A 319 12.16 -6.43 -10.67
N ILE A 320 11.66 -5.48 -9.90
CA ILE A 320 10.59 -4.59 -10.37
C ILE A 320 10.95 -3.95 -11.70
N ASP A 321 12.11 -3.34 -11.79
CA ASP A 321 12.43 -2.53 -12.97
C ASP A 321 12.68 -3.34 -14.25
N PHE A 322 13.32 -4.49 -14.10
CA PHE A 322 13.83 -5.27 -15.24
C PHE A 322 12.91 -6.44 -15.61
N VAL A 323 12.22 -7.00 -14.63
CA VAL A 323 11.25 -8.06 -14.84
C VAL A 323 9.74 -7.71 -14.68
N ALA A 324 9.27 -7.42 -13.46
CA ALA A 324 7.85 -7.36 -13.19
C ALA A 324 7.11 -6.14 -13.69
N ALA A 325 7.69 -4.95 -13.59
CA ALA A 325 6.92 -3.79 -14.01
C ALA A 325 6.71 -3.81 -15.55
N PRO A 326 7.76 -4.06 -16.34
CA PRO A 326 7.50 -4.12 -17.77
C PRO A 326 6.52 -5.24 -18.16
N PHE A 327 6.59 -6.39 -17.46
CA PHE A 327 5.69 -7.51 -17.79
C PHE A 327 4.24 -7.16 -17.51
N PHE A 328 3.96 -6.69 -16.29
CA PHE A 328 2.60 -6.35 -15.95
C PHE A 328 2.06 -5.19 -16.80
N GLN A 329 2.88 -4.18 -17.04
CA GLN A 329 2.38 -3.01 -17.77
C GLN A 329 2.04 -3.39 -19.20
N LYS A 330 2.89 -4.21 -19.81
CA LYS A 330 2.66 -4.61 -21.19
C LYS A 330 1.41 -5.47 -21.42
N ILE A 331 1.17 -6.44 -20.52
CA ILE A 331 0.04 -7.30 -20.67
C ILE A 331 -1.23 -6.58 -20.30
N VAL A 332 -1.18 -5.67 -19.30
CA VAL A 332 -2.36 -4.84 -19.03
C VAL A 332 -2.72 -3.96 -20.24
N ASP A 333 -1.72 -3.25 -20.78
CA ASP A 333 -1.98 -2.37 -21.87
C ASP A 333 -2.37 -3.09 -23.11
N ALA A 334 -1.83 -4.29 -23.31
CA ALA A 334 -2.14 -5.06 -24.52
C ALA A 334 -3.56 -5.60 -24.57
N CYS A 335 -4.13 -5.93 -23.42
CA CYS A 335 -5.25 -6.82 -23.36
C CYS A 335 -5.93 -6.94 -22.01
N LEU A 336 -5.15 -7.05 -20.94
CA LEU A 336 -5.70 -7.39 -19.63
C LEU A 336 -5.94 -6.16 -18.73
N GLN A 337 -6.73 -5.22 -19.27
CA GLN A 337 -7.06 -3.90 -18.61
C GLN A 337 -7.51 -4.08 -17.16
N GLY A 338 -8.26 -5.14 -16.92
CA GLY A 338 -8.74 -5.44 -15.59
C GLY A 338 -7.67 -5.65 -14.55
N MET A 339 -6.44 -5.96 -14.97
CA MET A 339 -5.36 -6.22 -14.01
C MET A 339 -4.52 -5.00 -13.70
N GLN A 340 -5.04 -3.80 -14.01
CA GLN A 340 -4.32 -2.55 -13.77
C GLN A 340 -3.86 -2.46 -12.31
N TRP A 341 -4.59 -3.02 -11.38
CA TRP A 341 -4.17 -2.92 -9.98
C TRP A 341 -2.77 -3.48 -9.77
N THR A 342 -2.38 -4.49 -10.54
CA THR A 342 -1.07 -5.06 -10.33
C THR A 342 0.00 -4.07 -10.62
N VAL A 343 -0.19 -3.31 -11.70
CA VAL A 343 0.75 -2.27 -12.05
C VAL A 343 0.79 -1.13 -11.00
N ASP A 344 -0.36 -0.73 -10.48
CA ASP A 344 -0.44 0.31 -9.46
C ASP A 344 0.31 -0.11 -8.17
N ARG A 345 0.10 -1.34 -7.78
CA ARG A 345 0.76 -1.87 -6.63
C ARG A 345 2.29 -2.05 -6.77
N ILE A 346 2.75 -2.40 -7.97
CA ILE A 346 4.16 -2.53 -8.20
C ILE A 346 4.80 -1.15 -8.02
N LYS A 347 4.17 -0.16 -8.63
CA LYS A 347 4.62 1.25 -8.55
C LYS A 347 4.79 1.68 -7.09
N SER A 348 3.79 1.33 -6.32
CA SER A 348 3.70 1.66 -4.94
C SER A 348 4.73 0.88 -4.08
N ASN A 349 4.94 -0.40 -4.38
CA ASN A 349 5.97 -1.13 -3.68
C ASN A 349 7.33 -0.60 -4.02
N ARG A 350 7.58 -0.24 -5.27
CA ARG A 350 8.84 0.33 -5.67
C ARG A 350 9.13 1.62 -4.86
N ALA A 351 8.11 2.48 -4.77
CA ALA A 351 8.27 3.75 -4.01
C ALA A 351 8.55 3.49 -2.51
N GLN A 352 7.91 2.47 -1.96
CA GLN A 352 8.16 2.08 -0.64
C GLN A 352 9.61 1.52 -0.43
N TRP A 353 10.15 0.74 -1.38
CA TRP A 353 11.57 0.32 -1.28
C TRP A 353 12.51 1.50 -1.43
N GLU A 354 12.13 2.46 -2.28
CA GLU A 354 12.92 3.69 -2.42
C GLU A 354 13.00 4.52 -1.10
N ARG A 355 11.90 4.51 -0.32
CA ARG A 355 11.91 5.09 1.03
C ARG A 355 12.78 4.30 1.98
N VAL A 356 12.83 2.98 1.83
CA VAL A 356 13.79 2.20 2.63
C VAL A 356 15.21 2.70 2.34
N LEU A 357 15.52 2.99 1.08
CA LEU A 357 16.84 3.49 0.73
C LEU A 357 17.10 4.93 1.14
N GLU A 358 16.10 5.76 0.93
CA GLU A 358 16.22 7.16 1.20
C GLU A 358 16.46 7.35 2.70
N THR A 359 15.90 6.48 3.54
CA THR A 359 16.04 6.65 5.01
C THR A 359 17.13 5.79 5.63
N ARG A 360 17.88 5.05 4.85
CA ARG A 360 18.91 4.16 5.43
C ARG A 360 20.14 4.96 5.88
N VAL B 28 13.85 26.65 -6.17
CA VAL B 28 14.34 27.43 -7.35
C VAL B 28 13.22 27.45 -8.46
N THR B 29 12.51 26.35 -8.67
CA THR B 29 11.74 26.15 -9.94
C THR B 29 10.38 26.87 -10.01
N ALA B 30 10.25 27.82 -10.92
CA ALA B 30 9.08 28.68 -10.95
C ALA B 30 7.81 27.93 -11.36
N ILE B 31 6.70 28.41 -10.82
CA ILE B 31 5.39 27.92 -11.19
C ILE B 31 5.08 28.53 -12.56
N THR B 32 4.48 27.75 -13.45
CA THR B 32 4.17 28.22 -14.82
C THR B 32 2.74 28.71 -14.97
N LYS B 33 2.48 29.51 -16.01
CA LYS B 33 1.12 29.96 -16.34
C LYS B 33 0.15 28.78 -16.45
N VAL B 34 0.65 27.68 -16.99
CA VAL B 34 -0.16 26.47 -17.22
C VAL B 34 -0.59 25.81 -15.90
N GLU B 35 0.35 25.70 -14.96
CA GLU B 35 0.04 25.21 -13.60
C GLU B 35 -1.02 26.10 -12.91
N ARG B 36 -0.97 27.42 -13.08
CA ARG B 36 -1.99 28.28 -12.45
C ARG B 36 -3.39 28.08 -13.05
N GLU B 37 -3.47 27.95 -14.38
CA GLU B 37 -4.76 27.82 -15.09
C GLU B 37 -5.45 26.55 -14.74
N ALA B 38 -4.67 25.47 -14.60
CA ALA B 38 -5.25 24.17 -14.17
C ALA B 38 -5.97 24.29 -12.81
N VAL B 39 -5.49 25.22 -11.97
CA VAL B 39 -6.17 25.51 -10.71
C VAL B 39 -7.32 26.49 -10.95
N LEU B 40 -7.06 27.62 -11.65
CA LEU B 40 -8.05 28.72 -11.82
C LEU B 40 -9.35 28.33 -12.50
N VAL B 41 -9.26 27.26 -13.29
CA VAL B 41 -10.37 26.80 -14.08
C VAL B 41 -11.27 25.86 -13.24
N CYS B 42 -10.80 25.43 -12.06
CA CYS B 42 -11.62 24.65 -11.12
C CYS B 42 -12.61 25.54 -10.35
N GLU B 43 -13.81 25.64 -10.91
CA GLU B 43 -14.96 26.09 -10.16
C GLU B 43 -15.33 24.91 -9.29
N LEU B 44 -15.93 25.17 -8.14
CA LEU B 44 -16.18 24.11 -7.17
C LEU B 44 -17.68 24.08 -6.99
N PRO B 45 -18.40 23.71 -8.07
CA PRO B 45 -19.83 23.95 -8.02
C PRO B 45 -20.44 22.95 -7.05
N SER B 46 -21.37 23.46 -6.24
CA SER B 46 -22.02 22.75 -5.12
C SER B 46 -21.16 22.54 -3.84
N PHE B 47 -20.00 23.21 -3.73
CA PHE B 47 -19.20 23.07 -2.51
C PHE B 47 -19.23 24.40 -1.81
N ASP B 48 -19.45 24.40 -0.50
CA ASP B 48 -19.21 25.61 0.24
C ASP B 48 -17.95 25.30 1.11
N VAL B 49 -16.82 25.89 0.70
CA VAL B 49 -15.51 25.63 1.36
C VAL B 49 -15.48 26.18 2.78
N THR B 50 -16.42 27.07 3.15
CA THR B 50 -16.42 27.66 4.47
C THR B 50 -17.21 26.86 5.49
N ASP B 51 -17.89 25.80 5.05
CA ASP B 51 -18.91 25.15 5.88
C ASP B 51 -18.27 24.09 6.71
N VAL B 52 -18.73 23.92 7.96
CA VAL B 52 -18.18 22.83 8.79
C VAL B 52 -18.45 21.40 8.26
N GLU B 53 -19.44 21.26 7.39
CA GLU B 53 -19.78 19.97 6.78
C GLU B 53 -19.13 19.72 5.42
N PHE B 54 -18.33 20.65 4.90
CA PHE B 54 -17.61 20.47 3.68
C PHE B 54 -16.89 19.11 3.64
N ASP B 55 -16.97 18.46 2.48
CA ASP B 55 -16.50 17.09 2.24
C ASP B 55 -15.38 17.11 1.23
N LEU B 56 -14.13 17.05 1.73
CA LEU B 56 -12.94 17.08 0.88
C LEU B 56 -12.82 15.80 0.03
N PHE B 57 -13.19 14.66 0.61
CA PHE B 57 -13.27 13.40 -0.13
C PHE B 57 -14.20 13.49 -1.32
N ARG B 58 -15.38 14.09 -1.15
CA ARG B 58 -16.35 14.25 -2.24
C ARG B 58 -15.77 15.21 -3.27
N ALA B 59 -15.20 16.33 -2.82
CA ALA B 59 -14.53 17.25 -3.75
C ALA B 59 -13.42 16.54 -4.54
N ARG B 60 -12.70 15.62 -3.91
CA ARG B 60 -11.64 14.87 -4.59
C ARG B 60 -12.21 13.91 -5.67
N GLU B 61 -13.29 13.22 -5.34
CA GLU B 61 -13.96 12.28 -6.25
C GLU B 61 -14.64 12.99 -7.40
N SER B 62 -14.81 14.31 -7.31
CA SER B 62 -15.70 15.03 -8.21
C SER B 62 -15.09 15.32 -9.58
N THR B 63 -13.81 15.00 -9.74
CA THR B 63 -13.03 15.50 -10.86
C THR B 63 -11.88 14.52 -10.99
N ASP B 64 -11.29 14.43 -12.18
CA ASP B 64 -10.19 13.50 -12.44
C ASP B 64 -8.83 14.12 -12.12
N LYS B 65 -8.81 15.43 -11.78
CA LYS B 65 -7.65 16.20 -11.25
C LYS B 65 -7.83 16.68 -9.78
N PRO B 66 -7.83 15.74 -8.84
CA PRO B 66 -8.13 16.17 -7.49
C PRO B 66 -7.07 17.11 -6.89
N LEU B 67 -5.81 16.98 -7.32
CA LEU B 67 -4.77 17.90 -6.85
C LEU B 67 -5.05 19.32 -7.21
N ASP B 68 -5.68 19.56 -8.37
CA ASP B 68 -6.07 20.94 -8.76
C ASP B 68 -7.33 21.41 -7.99
N VAL B 69 -8.24 20.49 -7.74
CA VAL B 69 -9.43 20.85 -6.98
C VAL B 69 -8.96 21.22 -5.58
N ALA B 70 -8.09 20.43 -5.02
CA ALA B 70 -7.44 20.71 -3.71
C ALA B 70 -6.79 22.07 -3.64
N ALA B 71 -6.04 22.40 -4.69
CA ALA B 71 -5.35 23.68 -4.75
C ALA B 71 -6.36 24.84 -4.81
N ALA B 72 -7.40 24.62 -5.61
CA ALA B 72 -8.43 25.61 -5.78
C ALA B 72 -9.16 25.89 -4.49
N ILE B 73 -9.41 24.86 -3.70
CA ILE B 73 -10.01 25.02 -2.38
C ILE B 73 -9.18 25.93 -1.42
N ALA B 74 -7.87 25.66 -1.33
CA ALA B 74 -6.95 26.47 -0.54
C ALA B 74 -6.97 27.90 -1.03
N TYR B 75 -6.94 28.08 -2.35
CA TYR B 75 -6.94 29.38 -2.95
C TYR B 75 -8.23 30.17 -2.61
N ARG B 76 -9.38 29.52 -2.70
CA ARG B 76 -10.66 30.21 -2.42
C ARG B 76 -10.82 30.54 -0.89
N LEU B 77 -10.37 29.61 -0.05
CA LEU B 77 -10.29 29.89 1.38
C LEU B 77 -9.48 31.14 1.67
N LEU B 78 -8.32 31.27 1.03
CA LEU B 78 -7.45 32.37 1.40
C LEU B 78 -7.98 33.67 0.83
N LEU B 79 -8.36 33.70 -0.44
CA LEU B 79 -8.99 34.88 -1.02
C LEU B 79 -10.27 35.26 -0.34
N GLY B 80 -11.06 34.27 0.05
CA GLY B 80 -12.42 34.52 0.58
C GLY B 80 -12.29 35.14 1.98
N SER B 81 -11.18 34.88 2.65
CA SER B 81 -10.91 35.45 3.98
C SER B 81 -10.64 36.95 3.91
N GLY B 82 -10.32 37.47 2.71
CA GLY B 82 -9.97 38.85 2.59
C GLY B 82 -8.56 39.18 3.08
N LEU B 83 -7.78 38.21 3.59
CA LEU B 83 -6.50 38.56 4.28
C LEU B 83 -5.25 38.82 3.39
N PRO B 84 -4.96 37.95 2.39
CA PRO B 84 -3.80 38.21 1.48
C PRO B 84 -3.79 39.64 0.90
N GLN B 85 -4.94 40.11 0.47
CA GLN B 85 -5.16 41.38 -0.19
C GLN B 85 -4.67 42.47 0.76
N LYS B 86 -5.03 42.37 2.04
CA LYS B 86 -4.67 43.41 3.02
C LYS B 86 -3.19 43.47 3.40
N PHE B 87 -2.44 42.40 3.17
CA PHE B 87 -1.03 42.34 3.55
C PHE B 87 -0.14 42.30 2.31
N GLY B 88 -0.63 42.82 1.19
CA GLY B 88 0.15 43.03 -0.04
C GLY B 88 0.49 41.76 -0.82
N CYS B 89 -0.25 40.68 -0.59
CA CYS B 89 -0.01 39.42 -1.27
C CYS B 89 -0.99 39.28 -2.43
N SER B 90 -0.46 39.36 -3.65
CA SER B 90 -1.28 39.35 -4.86
C SER B 90 -1.86 37.98 -5.06
N ASP B 91 -2.87 37.91 -5.94
CA ASP B 91 -3.52 36.65 -6.22
C ASP B 91 -2.50 35.63 -6.76
N GLU B 92 -1.59 36.10 -7.59
CA GLU B 92 -0.66 35.25 -8.24
C GLU B 92 0.40 34.71 -7.29
N VAL B 93 0.93 35.53 -6.39
CA VAL B 93 1.91 35.10 -5.38
C VAL B 93 1.26 34.02 -4.50
N LEU B 94 0.00 34.26 -4.12
CA LEU B 94 -0.76 33.31 -3.34
C LEU B 94 -0.81 31.95 -4.00
N LEU B 95 -1.21 31.91 -5.28
CA LEU B 95 -1.42 30.67 -6.00
C LEU B 95 -0.09 29.96 -6.24
N ASN B 96 0.98 30.75 -6.41
CA ASN B 96 2.34 30.20 -6.60
C ASN B 96 2.77 29.50 -5.32
N PHE B 97 2.57 30.22 -4.23
CA PHE B 97 2.79 29.66 -2.94
C PHE B 97 2.08 28.32 -2.77
N ILE B 98 0.78 28.27 -3.09
CA ILE B 98 0.02 27.07 -2.87
C ILE B 98 0.58 25.93 -3.71
N LEU B 99 0.99 26.21 -4.95
CA LEU B 99 1.53 25.20 -5.86
C LEU B 99 2.95 24.73 -5.48
N GLN B 100 3.79 25.63 -4.98
CA GLN B 100 5.09 25.22 -4.44
C GLN B 100 4.95 24.29 -3.24
N CYS B 101 3.98 24.57 -2.36
CA CYS B 101 3.69 23.68 -1.25
C CYS B 101 3.25 22.29 -1.79
N ARG B 102 2.35 22.29 -2.76
CA ARG B 102 1.78 21.07 -3.31
C ARG B 102 2.86 20.17 -3.86
N LYS B 103 3.79 20.78 -4.57
CA LYS B 103 4.91 20.01 -5.10
C LYS B 103 5.75 19.29 -4.06
N LYS B 104 5.77 19.79 -2.81
CA LYS B 104 6.59 19.19 -1.77
C LYS B 104 5.86 18.13 -0.95
N TYR B 105 4.63 17.79 -1.34
CA TYR B 105 3.92 16.73 -0.66
C TYR B 105 4.09 15.46 -1.44
N ARG B 106 4.23 14.34 -0.75
CA ARG B 106 4.34 13.03 -1.41
C ARG B 106 3.02 12.26 -1.55
N ASN B 107 3.09 11.13 -2.24
CA ASN B 107 1.96 10.27 -2.41
C ASN B 107 1.97 9.20 -1.31
N VAL B 108 1.54 9.61 -0.13
CA VAL B 108 1.46 8.73 1.06
C VAL B 108 -0.01 8.71 1.41
N PRO B 109 -0.47 7.72 2.17
CA PRO B 109 -1.93 7.66 2.32
C PRO B 109 -2.56 8.81 3.11
N TYR B 110 -1.84 9.37 4.11
CA TYR B 110 -2.42 10.38 5.01
C TYR B 110 -1.78 11.77 4.91
N HIS B 111 -0.46 11.85 5.09
CA HIS B 111 0.22 13.14 5.18
C HIS B 111 0.60 13.61 3.81
N ASN B 112 -0.42 13.74 2.98
CA ASN B 112 -0.31 14.27 1.63
C ASN B 112 -0.94 15.67 1.55
N PHE B 113 -1.05 16.22 0.34
CA PHE B 113 -1.51 17.59 0.17
C PHE B 113 -2.94 17.73 0.63
N TYR B 114 -3.73 16.66 0.59
CA TYR B 114 -5.14 16.75 1.01
C TYR B 114 -5.25 16.98 2.55
N HIS B 115 -4.35 16.38 3.31
CA HIS B 115 -4.31 16.63 4.75
C HIS B 115 -4.04 18.13 5.04
N VAL B 116 -3.12 18.74 4.33
CA VAL B 116 -2.87 20.11 4.67
C VAL B 116 -3.93 21.03 4.23
N VAL B 117 -4.54 20.79 3.07
CA VAL B 117 -5.69 21.58 2.64
C VAL B 117 -6.89 21.38 3.58
N ASP B 118 -7.11 20.17 4.02
CA ASP B 118 -8.09 19.92 5.05
C ASP B 118 -7.82 20.76 6.33
N VAL B 119 -6.58 20.72 6.82
CA VAL B 119 -6.23 21.50 8.00
C VAL B 119 -6.48 22.98 7.80
N CYS B 120 -6.18 23.51 6.60
CA CYS B 120 -6.41 24.87 6.26
C CYS B 120 -7.92 25.20 6.31
N GLN B 121 -8.70 24.33 5.70
CA GLN B 121 -10.18 24.48 5.66
C GLN B 121 -10.79 24.45 7.07
N THR B 122 -10.36 23.46 7.81
CA THR B 122 -10.71 23.30 9.20
C THR B 122 -10.40 24.52 10.06
N ILE B 123 -9.18 25.03 9.92
CA ILE B 123 -8.79 26.21 10.63
C ILE B 123 -9.67 27.38 10.32
N HIS B 124 -9.98 27.57 9.04
CA HIS B 124 -10.87 28.60 8.62
C HIS B 124 -12.23 28.47 9.36
N THR B 125 -12.74 27.27 9.54
CA THR B 125 -14.02 27.07 10.24
C THR B 125 -13.86 27.38 11.73
N PHE B 126 -12.75 27.01 12.32
CA PHE B 126 -12.51 27.37 13.74
C PHE B 126 -12.41 28.88 13.93
N LEU B 127 -11.75 29.54 12.96
CA LEU B 127 -11.59 30.98 13.03
C LEU B 127 -12.94 31.66 12.83
N TYR B 128 -13.64 31.37 11.74
CA TYR B 128 -14.79 32.15 11.33
C TYR B 128 -16.18 31.57 11.69
N ARG B 129 -16.35 30.28 11.75
CA ARG B 129 -17.57 29.70 12.29
C ARG B 129 -17.48 29.51 13.81
N GLY B 130 -16.28 29.35 14.36
CA GLY B 130 -16.05 29.22 15.80
C GLY B 130 -15.68 30.52 16.47
N ASN B 131 -15.58 31.59 15.67
CA ASN B 131 -15.23 32.95 16.09
C ASN B 131 -13.91 33.09 16.86
N VAL B 132 -12.98 32.18 16.61
CA VAL B 132 -11.71 32.29 17.23
C VAL B 132 -10.93 33.49 16.65
N TYR B 133 -11.32 33.93 15.47
CA TYR B 133 -10.76 35.13 14.88
C TYR B 133 -10.82 36.35 15.81
N GLU B 134 -11.80 36.37 16.74
CA GLU B 134 -11.96 37.51 17.68
C GLU B 134 -10.78 37.57 18.62
N LYS B 135 -10.04 36.46 18.77
CA LYS B 135 -8.95 36.34 19.74
C LYS B 135 -7.63 36.77 19.11
N LEU B 136 -7.61 36.94 17.78
CA LEU B 136 -6.37 37.10 17.01
C LEU B 136 -6.37 38.33 16.09
N THR B 137 -5.20 38.78 15.74
CA THR B 137 -5.08 39.88 14.77
C THR B 137 -5.38 39.34 13.38
N GLU B 138 -5.70 40.24 12.46
CA GLU B 138 -5.87 39.78 11.06
C GLU B 138 -4.59 39.09 10.58
N LEU B 139 -3.42 39.68 10.86
CA LEU B 139 -2.14 39.02 10.47
C LEU B 139 -2.00 37.59 10.98
N GLU B 140 -2.33 37.35 12.24
CA GLU B 140 -2.29 36.04 12.86
C GLU B 140 -3.21 35.07 12.18
N CYS B 141 -4.43 35.52 11.88
CA CYS B 141 -5.36 34.71 11.03
C CYS B 141 -4.77 34.29 9.64
N PHE B 142 -4.16 35.24 8.92
CA PHE B 142 -3.49 35.02 7.64
C PHE B 142 -2.35 33.99 7.80
N VAL B 143 -1.51 34.17 8.82
CA VAL B 143 -0.37 33.29 9.04
C VAL B 143 -0.86 31.90 9.38
N LEU B 144 -1.96 31.78 10.11
CA LEU B 144 -2.53 30.46 10.41
C LEU B 144 -2.95 29.72 9.12
N LEU B 145 -3.66 30.42 8.24
CA LEU B 145 -4.17 29.81 7.00
C LEU B 145 -3.00 29.39 6.11
N ILE B 146 -2.00 30.26 6.01
CA ILE B 146 -0.74 29.94 5.32
C ILE B 146 -0.02 28.77 5.94
N THR B 147 0.12 28.80 7.26
CA THR B 147 0.91 27.78 7.96
C THR B 147 0.34 26.40 7.81
N ALA B 148 -0.98 26.30 7.78
CA ALA B 148 -1.62 24.99 7.55
C ALA B 148 -1.05 24.28 6.33
N LEU B 149 -0.81 25.07 5.28
CA LEU B 149 -0.37 24.50 4.02
C LEU B 149 1.12 24.11 4.00
N VAL B 150 1.94 24.73 4.86
CA VAL B 150 3.36 24.27 5.07
C VAL B 150 3.66 23.24 6.14
N HIS B 151 2.69 22.93 6.99
CA HIS B 151 3.06 22.33 8.34
C HIS B 151 3.53 20.87 8.28
N ASP B 152 3.35 20.21 7.13
CA ASP B 152 3.84 18.81 6.98
C ASP B 152 4.67 18.53 5.68
N LEU B 153 5.19 19.58 5.08
CA LEU B 153 5.94 19.51 3.81
C LEU B 153 6.97 18.37 3.81
N ASP B 154 6.88 17.55 2.78
CA ASP B 154 7.82 16.47 2.49
C ASP B 154 7.76 15.37 3.54
N HIS B 155 6.61 15.19 4.22
CA HIS B 155 6.39 14.01 5.05
C HIS B 155 6.44 12.72 4.15
N MET B 156 7.01 11.67 4.68
CA MET B 156 7.20 10.39 3.98
C MET B 156 6.32 9.23 4.56
N GLY B 157 5.37 9.63 5.41
CA GLY B 157 4.54 8.69 6.19
C GLY B 157 5.14 7.99 7.36
N LEU B 158 6.28 8.50 7.84
CA LEU B 158 7.03 7.99 8.94
C LEU B 158 7.12 9.06 10.04
N ASN B 159 6.91 8.67 11.29
CA ASN B 159 6.91 9.66 12.40
C ASN B 159 8.29 9.88 12.97
N ASN B 160 8.42 10.80 13.92
CA ASN B 160 9.77 11.10 14.46
C ASN B 160 10.48 9.89 15.05
N SER B 161 9.67 9.06 15.72
CA SER B 161 10.11 7.85 16.34
C SER B 161 10.79 6.88 15.38
N PHE B 162 10.27 6.74 14.15
CA PHE B 162 10.93 5.94 13.14
C PHE B 162 12.38 6.39 12.95
N TYR B 163 12.58 7.68 12.73
CA TYR B 163 13.89 8.22 12.43
C TYR B 163 14.89 8.04 13.59
N LEU B 164 14.42 8.18 14.82
CA LEU B 164 15.25 8.03 16.01
C LEU B 164 15.53 6.57 16.30
N LYS B 165 14.54 5.69 16.21
CA LYS B 165 14.80 4.28 16.57
C LYS B 165 15.62 3.53 15.49
N THR B 166 15.47 3.91 14.21
CA THR B 166 16.29 3.31 13.18
C THR B 166 17.68 3.97 12.96
N GLU B 167 17.99 5.07 13.63
CA GLU B 167 19.24 5.85 13.41
C GLU B 167 19.43 6.30 11.98
N SER B 168 18.33 6.73 11.41
CA SER B 168 18.30 7.18 10.07
C SER B 168 19.04 8.49 10.11
N PRO B 169 19.67 8.91 9.00
CA PRO B 169 20.51 10.15 9.08
C PRO B 169 19.83 11.41 9.62
N LEU B 170 18.59 11.70 9.20
CA LEU B 170 17.85 12.86 9.77
C LEU B 170 17.66 12.73 11.28
N GLY B 171 17.43 11.51 11.75
CA GLY B 171 17.34 11.25 13.18
C GLY B 171 18.66 11.53 13.88
N ILE B 172 19.76 11.09 13.27
CA ILE B 172 21.12 11.29 13.89
C ILE B 172 21.39 12.79 14.00
N LEU B 173 21.09 13.53 12.96
CA LEU B 173 21.30 14.97 13.02
C LEU B 173 20.49 15.68 14.12
N SER B 174 19.24 15.27 14.28
CA SER B 174 18.38 15.78 15.35
C SER B 174 18.95 15.47 16.71
N SER B 175 19.43 14.25 16.91
CA SER B 175 20.03 13.86 18.18
C SER B 175 21.28 14.70 18.45
N ALA B 176 22.06 14.91 17.41
CA ALA B 176 23.31 15.63 17.52
C ALA B 176 23.01 17.11 17.82
N SER B 177 22.05 17.69 17.11
CA SER B 177 21.73 19.13 17.23
C SER B 177 20.83 19.50 18.39
N GLY B 178 20.35 18.48 19.14
CA GLY B 178 19.55 18.64 20.35
C GLY B 178 18.02 18.80 20.19
N ASN B 179 17.46 18.73 18.98
CA ASN B 179 15.98 18.84 18.80
C ASN B 179 15.40 17.55 18.23
N THR B 180 14.63 16.84 19.07
CA THR B 180 13.98 15.59 18.67
C THR B 180 12.80 15.79 17.71
N SER B 181 12.38 17.03 17.44
CA SER B 181 11.29 17.28 16.47
C SER B 181 11.81 17.11 15.07
N VAL B 182 12.19 15.86 14.71
CA VAL B 182 12.83 15.63 13.42
C VAL B 182 12.03 16.19 12.25
N LEU B 183 10.75 15.82 12.16
CA LEU B 183 9.97 16.21 10.95
C LEU B 183 9.62 17.72 10.94
N GLU B 184 9.34 18.25 12.10
CA GLU B 184 8.74 19.62 12.20
C GLU B 184 9.82 20.64 11.90
N VAL B 185 11.05 20.42 12.38
CA VAL B 185 12.18 21.23 11.91
C VAL B 185 12.33 21.14 10.38
N HIS B 186 12.23 19.94 9.85
CA HIS B 186 12.32 19.77 8.40
C HIS B 186 11.21 20.51 7.61
N HIS B 187 9.98 20.44 8.10
CA HIS B 187 8.91 21.19 7.42
C HIS B 187 9.23 22.69 7.43
N CYS B 188 9.69 23.20 8.56
CA CYS B 188 10.00 24.66 8.68
C CYS B 188 11.11 25.06 7.73
N ASN B 189 12.14 24.21 7.65
CA ASN B 189 13.20 24.42 6.66
C ASN B 189 12.67 24.57 5.27
N LEU B 190 11.75 23.70 4.91
CA LEU B 190 11.24 23.75 3.57
C LEU B 190 10.27 24.93 3.41
N ALA B 191 9.57 25.30 4.46
CA ALA B 191 8.70 26.44 4.36
C ALA B 191 9.53 27.67 4.07
N VAL B 192 10.62 27.83 4.81
CA VAL B 192 11.53 28.97 4.61
C VAL B 192 12.03 28.99 3.15
N GLU B 193 12.37 27.83 2.60
CA GLU B 193 12.75 27.74 1.15
C GLU B 193 11.73 28.29 0.18
N ILE B 194 10.49 27.83 0.36
CA ILE B 194 9.42 28.29 -0.51
C ILE B 194 9.29 29.83 -0.45
N LEU B 195 9.32 30.37 0.78
CA LEU B 195 9.12 31.78 1.00
C LEU B 195 10.32 32.65 0.61
N SER B 196 11.49 32.06 0.41
CA SER B 196 12.68 32.80 -0.02
C SER B 196 12.57 33.24 -1.50
N ASP B 197 11.82 32.52 -2.32
CA ASP B 197 11.52 32.95 -3.67
C ASP B 197 10.38 34.00 -3.62
N PRO B 198 10.67 35.26 -4.02
CA PRO B 198 9.65 36.34 -4.07
C PRO B 198 8.35 36.07 -4.86
N GLU B 199 8.43 35.22 -5.86
CA GLU B 199 7.24 34.73 -6.56
C GLU B 199 6.28 33.95 -5.69
N SER B 200 6.77 33.35 -4.61
CA SER B 200 5.93 32.59 -3.72
C SER B 200 5.99 33.10 -2.28
N ASP B 201 6.53 34.31 -2.07
CA ASP B 201 6.63 34.86 -0.72
C ASP B 201 5.32 35.58 -0.38
N VAL B 202 4.39 34.84 0.23
CA VAL B 202 3.13 35.44 0.74
C VAL B 202 3.36 36.52 1.82
N PHE B 203 4.55 36.53 2.42
CA PHE B 203 4.89 37.50 3.42
C PHE B 203 5.74 38.67 2.89
N ASP B 204 5.87 38.83 1.57
CA ASP B 204 6.81 39.83 1.06
C ASP B 204 6.29 41.27 1.21
N GLY B 205 4.97 41.44 1.22
CA GLY B 205 4.34 42.73 1.55
C GLY B 205 4.47 43.23 2.98
N LEU B 206 5.07 42.46 3.88
CA LEU B 206 5.17 42.83 5.26
C LEU B 206 6.54 43.43 5.49
N GLU B 207 6.69 44.28 6.48
CA GLU B 207 8.02 44.73 6.88
C GLU B 207 8.14 44.82 8.36
N GLY B 208 9.37 45.00 8.81
CA GLY B 208 9.65 45.20 10.19
C GLY B 208 9.07 44.11 11.07
N ALA B 209 8.45 44.52 12.16
CA ALA B 209 8.06 43.58 13.21
C ALA B 209 6.90 42.67 12.78
N GLU B 210 6.10 43.11 11.80
CA GLU B 210 5.06 42.23 11.19
C GLU B 210 5.67 41.09 10.40
N ARG B 211 6.64 41.40 9.53
CA ARG B 211 7.36 40.35 8.82
C ARG B 211 7.99 39.32 9.77
N THR B 212 8.69 39.79 10.82
CA THR B 212 9.26 38.93 11.79
C THR B 212 8.22 38.11 12.49
N LEU B 213 7.11 38.73 12.85
CA LEU B 213 6.10 38.03 13.61
C LEU B 213 5.54 36.88 12.72
N ALA B 214 5.43 37.12 11.42
CA ALA B 214 4.82 36.17 10.53
C ALA B 214 5.71 34.94 10.47
N PHE B 215 7.04 35.12 10.39
CA PHE B 215 7.92 33.96 10.25
C PHE B 215 8.01 33.28 11.58
N ARG B 216 8.16 34.04 12.64
CA ARG B 216 8.28 33.44 13.96
C ARG B 216 7.04 32.65 14.41
N SER B 217 5.89 33.26 14.22
CA SER B 217 4.64 32.58 14.56
C SER B 217 4.44 31.32 13.72
N MET B 218 4.72 31.41 12.41
CA MET B 218 4.57 30.25 11.50
C MET B 218 5.41 29.08 12.01
N ILE B 219 6.66 29.40 12.31
CA ILE B 219 7.64 28.46 12.79
C ILE B 219 7.24 27.92 14.16
N ASP B 220 6.86 28.79 15.11
CA ASP B 220 6.40 28.32 16.44
C ASP B 220 5.21 27.34 16.27
N CYS B 221 4.26 27.72 15.43
CA CYS B 221 3.09 26.85 15.15
C CYS B 221 3.45 25.44 14.59
N VAL B 222 4.29 25.41 13.57
CA VAL B 222 4.77 24.10 13.02
C VAL B 222 5.47 23.29 14.06
N LEU B 223 6.41 23.90 14.77
CA LEU B 223 7.13 23.14 15.82
C LEU B 223 6.21 22.57 16.89
N ALA B 224 5.11 23.27 17.17
CA ALA B 224 4.16 22.79 18.21
C ALA B 224 3.26 21.65 17.77
N THR B 225 3.29 21.31 16.48
CA THR B 225 2.51 20.16 15.97
C THR B 225 3.12 18.84 16.34
N ASP B 226 4.34 18.85 16.90
CA ASP B 226 4.96 17.63 17.30
C ASP B 226 4.19 17.03 18.48
N MET B 227 3.62 15.85 18.26
CA MET B 227 2.72 15.25 19.28
C MET B 227 3.43 14.80 20.54
N ALA B 228 4.75 14.66 20.49
CA ALA B 228 5.53 14.53 21.70
C ALA B 228 5.41 15.75 22.63
N LYS B 229 5.18 16.95 22.10
CA LYS B 229 5.01 18.18 22.91
C LYS B 229 3.52 18.51 23.10
N HIS B 230 2.63 17.53 23.01
CA HIS B 230 1.20 17.82 23.04
C HIS B 230 0.77 18.30 24.44
N GLY B 231 1.24 17.57 25.46
CA GLY B 231 0.92 17.86 26.87
C GLY B 231 1.24 19.28 27.23
N SER B 232 2.48 19.66 27.02
CA SER B 232 2.94 20.97 27.40
C SER B 232 2.44 22.15 26.56
N ALA B 233 2.17 21.95 25.27
CA ALA B 233 1.51 22.98 24.45
C ALA B 233 0.12 23.28 25.03
N LEU B 234 -0.62 22.22 25.36
CA LEU B 234 -1.92 22.37 25.94
C LEU B 234 -1.92 23.08 27.29
N GLU B 235 -1.01 22.70 28.18
CA GLU B 235 -0.93 23.29 29.52
C GLU B 235 -0.50 24.75 29.42
N ALA B 236 0.45 25.04 28.54
CA ALA B 236 0.84 26.41 28.29
C ALA B 236 -0.31 27.32 27.78
N PHE B 237 -1.11 26.82 26.81
CA PHE B 237 -2.32 27.50 26.37
C PHE B 237 -3.31 27.69 27.51
N LEU B 238 -3.63 26.59 28.22
CA LEU B 238 -4.63 26.67 29.27
C LEU B 238 -4.20 27.68 30.29
N ALA B 239 -2.92 27.63 30.65
CA ALA B 239 -2.32 28.59 31.57
C ALA B 239 -2.45 30.01 31.00
N SER B 240 -2.06 30.20 29.75
CA SER B 240 -2.22 31.47 29.09
C SER B 240 -3.67 32.03 29.06
N ALA B 241 -4.68 31.15 28.91
CA ALA B 241 -6.11 31.52 28.73
C ALA B 241 -6.76 31.97 30.03
N ALA B 242 -6.47 31.25 31.11
CA ALA B 242 -6.72 31.77 32.44
C ALA B 242 -5.66 32.86 32.63
N ASP B 243 -5.90 33.77 33.57
CA ASP B 243 -5.01 34.92 33.79
C ASP B 243 -4.89 35.87 32.58
N GLN B 244 -4.15 35.49 31.51
CA GLN B 244 -4.23 36.14 30.16
C GLN B 244 -3.96 37.66 30.07
N SER B 245 -4.80 38.47 30.72
CA SER B 245 -4.44 39.84 31.14
C SER B 245 -3.39 39.60 32.20
N SER B 246 -2.14 39.86 31.80
CA SER B 246 -0.99 39.14 32.32
C SER B 246 0.01 39.16 31.18
N ASP B 247 -0.32 38.48 30.06
CA ASP B 247 0.58 38.48 28.91
C ASP B 247 -0.19 38.28 27.58
N GLU B 248 -0.74 39.35 27.03
CA GLU B 248 -1.51 39.27 25.77
C GLU B 248 -0.76 38.61 24.64
N ALA B 249 0.51 38.97 24.43
CA ALA B 249 1.30 38.47 23.31
C ALA B 249 1.47 36.94 23.43
N ALA B 250 1.72 36.46 24.64
CA ALA B 250 1.82 35.03 24.89
C ALA B 250 0.51 34.29 24.54
N PHE B 251 -0.64 34.90 24.88
CA PHE B 251 -1.93 34.27 24.68
C PHE B 251 -2.19 34.16 23.19
N HIS B 252 -1.89 35.24 22.46
CA HIS B 252 -2.03 35.22 20.99
C HIS B 252 -1.23 34.07 20.35
N ARG B 253 0.02 33.90 20.76
CA ARG B 253 0.90 32.91 20.16
C ARG B 253 0.43 31.51 20.52
N MET B 254 0.10 31.31 21.80
CA MET B 254 -0.44 30.02 22.26
C MET B 254 -1.77 29.64 21.61
N THR B 255 -2.64 30.61 21.38
CA THR B 255 -3.91 30.34 20.68
C THR B 255 -3.63 29.94 19.23
N MET B 256 -2.65 30.56 18.57
CA MET B 256 -2.26 30.13 17.22
C MET B 256 -1.74 28.67 17.24
N GLU B 257 -0.84 28.37 18.15
CA GLU B 257 -0.30 27.01 18.30
C GLU B 257 -1.44 26.01 18.48
N ILE B 258 -2.39 26.39 19.32
CA ILE B 258 -3.44 25.48 19.72
C ILE B 258 -4.43 25.26 18.54
N ILE B 259 -4.68 26.29 17.78
CA ILE B 259 -5.61 26.18 16.66
C ILE B 259 -4.98 25.31 15.53
N LEU B 260 -3.66 25.47 15.29
CA LEU B 260 -3.01 24.62 14.32
C LEU B 260 -3.04 23.20 14.83
N LYS B 261 -2.73 23.00 16.11
CA LYS B 261 -2.87 21.66 16.66
C LYS B 261 -4.29 21.07 16.53
N ALA B 262 -5.28 21.90 16.83
CA ALA B 262 -6.68 21.54 16.72
C ALA B 262 -7.05 21.06 15.31
N GLY B 263 -6.64 21.80 14.30
CA GLY B 263 -6.83 21.38 12.89
C GLY B 263 -6.21 20.04 12.57
N ASP B 264 -5.03 19.83 13.13
CA ASP B 264 -4.27 18.61 12.91
C ASP B 264 -4.96 17.39 13.48
N ILE B 265 -5.60 17.55 14.66
CA ILE B 265 -6.32 16.43 15.23
C ILE B 265 -7.85 16.55 15.04
N SER B 266 -8.25 17.30 14.03
CA SER B 266 -9.67 17.59 13.78
C SER B 266 -10.44 16.51 13.03
N ASN B 267 -9.78 15.41 12.60
CA ASN B 267 -10.51 14.38 11.83
C ASN B 267 -11.71 13.81 12.57
N VAL B 268 -11.58 13.67 13.88
CA VAL B 268 -12.67 13.07 14.62
C VAL B 268 -13.79 14.05 14.88
N THR B 269 -13.67 15.34 14.48
CA THR B 269 -14.75 16.33 14.66
C THR B 269 -15.68 16.45 13.44
N LYS B 270 -15.51 15.59 12.43
CA LYS B 270 -16.18 15.84 11.20
C LYS B 270 -17.37 14.92 11.11
N PRO B 271 -18.27 15.19 10.16
CA PRO B 271 -19.37 14.20 9.94
C PRO B 271 -18.83 12.76 9.79
N PHE B 272 -19.51 11.78 10.39
CA PHE B 272 -18.92 10.46 10.60
C PHE B 272 -18.34 9.90 9.32
N ASP B 273 -19.07 9.99 8.21
CA ASP B 273 -18.58 9.42 6.95
C ASP B 273 -17.21 10.02 6.52
N ILE B 274 -17.07 11.33 6.67
CA ILE B 274 -15.80 11.99 6.48
C ILE B 274 -14.75 11.48 7.48
N SER B 275 -15.13 11.46 8.73
CA SER B 275 -14.24 11.02 9.78
C SER B 275 -13.69 9.56 9.58
N ARG B 276 -14.58 8.68 9.15
CA ARG B 276 -14.21 7.28 8.90
C ARG B 276 -13.17 7.21 7.77
N GLN B 277 -13.35 8.03 6.74
CA GLN B 277 -12.41 8.02 5.66
C GLN B 277 -11.01 8.46 6.09
N TRP B 278 -10.89 9.52 6.89
CA TRP B 278 -9.61 9.95 7.50
C TRP B 278 -8.99 8.83 8.33
N ALA B 279 -9.83 8.14 9.09
CA ALA B 279 -9.37 7.07 9.96
C ALA B 279 -8.71 5.92 9.13
N MET B 280 -9.33 5.62 7.99
CA MET B 280 -8.85 4.55 7.11
C MET B 280 -7.48 4.96 6.61
N ALA B 281 -7.36 6.19 6.17
CA ALA B 281 -6.10 6.70 5.61
C ALA B 281 -4.95 6.75 6.61
N VAL B 282 -5.17 7.28 7.84
CA VAL B 282 -4.07 7.41 8.79
C VAL B 282 -3.70 6.06 9.33
N THR B 283 -4.70 5.19 9.45
CA THR B 283 -4.46 3.81 9.85
C THR B 283 -3.54 3.05 8.87
N GLU B 284 -3.82 3.20 7.59
CA GLU B 284 -3.01 2.52 6.57
C GLU B 284 -1.60 3.09 6.58
N GLU B 285 -1.45 4.42 6.74
CA GLU B 285 -0.12 5.00 6.84
C GLU B 285 0.63 4.48 8.02
N PHE B 286 0.01 4.44 9.17
CA PHE B 286 0.74 3.93 10.36
C PHE B 286 1.14 2.45 10.14
N TYR B 287 0.25 1.67 9.52
CA TYR B 287 0.62 0.27 9.23
C TYR B 287 1.83 0.09 8.30
N ARG B 288 2.00 1.02 7.37
CA ARG B 288 3.09 1.00 6.45
C ARG B 288 4.35 1.37 7.19
N GLN B 289 4.24 2.30 8.14
CA GLN B 289 5.40 2.55 8.98
C GLN B 289 5.83 1.28 9.67
N GLY B 290 4.87 0.57 10.26
CA GLY B 290 5.10 -0.72 10.90
C GLY B 290 5.77 -1.76 10.02
N ASP B 291 5.31 -1.87 8.77
CA ASP B 291 5.93 -2.78 7.72
C ASP B 291 7.38 -2.43 7.48
N MET B 292 7.67 -1.14 7.28
CA MET B 292 9.07 -0.67 7.23
C MET B 292 9.93 -0.87 8.48
N GLU B 293 9.33 -0.77 9.66
CA GLU B 293 10.03 -1.13 10.89
C GLU B 293 10.36 -2.66 10.93
N LYS B 294 9.43 -3.50 10.51
CA LYS B 294 9.76 -4.95 10.39
C LYS B 294 10.97 -5.13 9.46
N GLU B 295 10.94 -4.45 8.31
CA GLU B 295 12.09 -4.45 7.41
C GLU B 295 13.41 -4.08 8.06
N ARG B 296 13.40 -3.01 8.87
CA ARG B 296 14.58 -2.61 9.60
C ARG B 296 14.87 -3.50 10.82
N GLY B 297 14.08 -4.53 11.12
CA GLY B 297 14.20 -5.24 12.40
C GLY B 297 14.15 -4.41 13.72
N VAL B 298 13.39 -3.31 13.76
CA VAL B 298 13.21 -2.57 15.02
C VAL B 298 11.82 -2.85 15.55
N GLU B 299 11.57 -2.44 16.80
CA GLU B 299 10.29 -2.75 17.48
C GLU B 299 9.12 -2.07 16.76
N VAL B 300 8.02 -2.80 16.58
CA VAL B 300 6.77 -2.23 16.07
C VAL B 300 5.73 -2.17 17.18
N LEU B 301 5.20 -0.96 17.42
CA LEU B 301 4.25 -0.74 18.49
C LEU B 301 2.93 -1.23 17.94
N PRO B 302 2.03 -1.74 18.81
CA PRO B 302 0.74 -2.30 18.37
C PRO B 302 -0.11 -1.51 17.39
N MET B 303 -0.23 -0.21 17.63
CA MET B 303 -1.01 0.68 16.77
C MET B 303 -0.48 0.69 15.32
N PHE B 304 0.79 0.35 15.15
CA PHE B 304 1.42 0.40 13.83
C PHE B 304 1.51 -1.01 13.21
N ASP B 305 0.92 -2.01 13.88
CA ASP B 305 1.22 -3.41 13.58
C ASP B 305 -0.02 -4.06 12.97
N ARG B 306 0.01 -4.16 11.64
CA ARG B 306 -1.02 -4.81 10.82
C ARG B 306 -1.50 -6.15 11.36
N SER B 307 -0.58 -6.88 11.96
CA SER B 307 -0.79 -8.24 12.41
C SER B 307 -1.66 -8.39 13.65
N LYS B 308 -2.07 -7.27 14.26
CA LYS B 308 -3.05 -7.30 15.35
C LYS B 308 -4.46 -7.52 14.78
N ASN B 309 -4.64 -7.16 13.51
CA ASN B 309 -5.92 -7.29 12.81
C ASN B 309 -7.00 -6.53 13.56
N MET B 310 -6.60 -5.43 14.21
CA MET B 310 -7.47 -4.73 15.15
C MET B 310 -8.37 -3.81 14.38
N GLU B 311 -9.58 -3.61 14.90
CA GLU B 311 -10.63 -2.94 14.11
C GLU B 311 -10.38 -1.44 14.09
N LEU B 312 -10.70 -0.82 12.97
CA LEU B 312 -10.69 0.62 12.81
C LEU B 312 -11.44 1.29 13.97
N ALA B 313 -12.65 0.80 14.26
CA ALA B 313 -13.51 1.38 15.28
C ALA B 313 -12.93 1.37 16.69
N LYS B 314 -12.24 0.32 17.11
CA LYS B 314 -11.57 0.28 18.45
C LYS B 314 -10.42 1.29 18.57
N GLY B 315 -9.73 1.52 17.46
CA GLY B 315 -8.65 2.50 17.43
C GLY B 315 -9.16 3.93 17.61
N GLN B 316 -10.15 4.27 16.80
CA GLN B 316 -10.76 5.58 16.80
C GLN B 316 -11.38 5.92 18.14
N ILE B 317 -12.11 4.97 18.70
CA ILE B 317 -12.61 5.08 20.08
C ILE B 317 -11.46 5.34 21.06
N GLY B 318 -10.36 4.58 21.04
CA GLY B 318 -9.25 4.85 21.99
C GLY B 318 -8.57 6.23 21.77
N PHE B 319 -8.39 6.61 20.51
CA PHE B 319 -7.77 7.92 20.21
C PHE B 319 -8.73 9.06 20.70
N ILE B 320 -10.02 8.92 20.44
CA ILE B 320 -11.03 9.82 21.01
C ILE B 320 -10.91 9.95 22.54
N ASP B 321 -10.80 8.85 23.25
CA ASP B 321 -10.88 8.87 24.71
C ASP B 321 -9.63 9.41 25.35
N PHE B 322 -8.45 8.99 24.85
CA PHE B 322 -7.21 9.38 25.48
C PHE B 322 -6.59 10.67 24.88
N VAL B 323 -6.90 11.04 23.63
CA VAL B 323 -6.29 12.23 23.00
C VAL B 323 -7.31 13.31 22.60
N ALA B 324 -8.22 13.02 21.66
CA ALA B 324 -9.02 14.04 21.06
C ALA B 324 -10.14 14.63 21.93
N ALA B 325 -10.91 13.81 22.65
CA ALA B 325 -12.03 14.38 23.46
C ALA B 325 -11.48 15.28 24.59
N PRO B 326 -10.43 14.83 25.30
CA PRO B 326 -9.93 15.74 26.33
C PRO B 326 -9.34 17.04 25.79
N PHE B 327 -8.72 17.00 24.62
CA PHE B 327 -8.12 18.17 24.05
C PHE B 327 -9.21 19.16 23.67
N PHE B 328 -10.22 18.74 22.89
CA PHE B 328 -11.29 19.64 22.48
C PHE B 328 -12.13 20.16 23.68
N GLN B 329 -12.49 19.28 24.64
CA GLN B 329 -13.30 19.74 25.78
C GLN B 329 -12.50 20.85 26.52
N LYS B 330 -11.23 20.60 26.74
CA LYS B 330 -10.46 21.54 27.54
C LYS B 330 -10.25 22.91 26.91
N ILE B 331 -9.93 22.96 25.61
CA ILE B 331 -9.76 24.27 24.96
C ILE B 331 -11.08 25.01 24.79
N VAL B 332 -12.15 24.28 24.51
CA VAL B 332 -13.48 24.88 24.43
C VAL B 332 -13.93 25.47 25.74
N ASP B 333 -13.80 24.70 26.81
CA ASP B 333 -14.15 25.19 28.13
C ASP B 333 -13.28 26.31 28.58
N ALA B 334 -11.99 26.27 28.29
CA ALA B 334 -11.10 27.32 28.77
C ALA B 334 -11.29 28.65 28.09
N CYS B 335 -11.90 28.70 26.92
CA CYS B 335 -11.74 29.88 26.08
C CYS B 335 -12.57 29.83 24.78
N LEU B 336 -12.46 28.72 24.08
CA LEU B 336 -12.94 28.60 22.68
C LEU B 336 -14.36 28.05 22.60
N GLN B 337 -15.29 28.82 23.16
CA GLN B 337 -16.71 28.41 23.32
C GLN B 337 -17.39 28.24 22.03
N GLY B 338 -17.02 29.10 21.10
CA GLY B 338 -17.58 29.02 19.76
C GLY B 338 -17.30 27.69 19.11
N MET B 339 -16.30 26.96 19.58
CA MET B 339 -15.98 25.63 18.98
C MET B 339 -16.64 24.41 19.67
N GLN B 340 -17.71 24.65 20.45
CA GLN B 340 -18.49 23.58 21.09
C GLN B 340 -18.89 22.41 20.20
N TRP B 341 -19.22 22.69 18.93
CA TRP B 341 -19.67 21.68 18.00
C TRP B 341 -18.61 20.54 17.82
N THR B 342 -17.33 20.83 18.01
CA THR B 342 -16.30 19.81 17.88
C THR B 342 -16.46 18.77 18.98
N VAL B 343 -16.74 19.25 20.19
CA VAL B 343 -16.96 18.39 21.33
C VAL B 343 -18.23 17.54 21.06
N ASP B 344 -19.27 18.17 20.51
CA ASP B 344 -20.51 17.45 20.24
C ASP B 344 -20.29 16.34 19.22
N ARG B 345 -19.67 16.66 18.06
CA ARG B 345 -19.44 15.66 17.03
C ARG B 345 -18.47 14.55 17.41
N ILE B 346 -17.46 14.80 18.21
CA ILE B 346 -16.63 13.71 18.71
C ILE B 346 -17.50 12.69 19.45
N LYS B 347 -18.45 13.20 20.25
CA LYS B 347 -19.46 12.39 20.97
C LYS B 347 -20.34 11.60 20.01
N SER B 348 -20.98 12.28 19.08
CA SER B 348 -21.76 11.62 18.04
C SER B 348 -20.92 10.53 17.32
N ASN B 349 -19.68 10.82 16.97
CA ASN B 349 -18.85 9.83 16.27
C ASN B 349 -18.45 8.69 17.15
N ARG B 350 -18.12 8.96 18.40
CA ARG B 350 -17.76 7.89 19.25
C ARG B 350 -18.91 6.88 19.35
N ALA B 351 -20.10 7.40 19.55
CA ALA B 351 -21.29 6.58 19.61
C ALA B 351 -21.46 5.75 18.36
N GLN B 352 -21.24 6.37 17.20
CA GLN B 352 -21.28 5.68 15.92
C GLN B 352 -20.23 4.54 15.79
N TRP B 353 -19.01 4.77 16.30
CA TRP B 353 -17.97 3.72 16.31
C TRP B 353 -18.38 2.53 17.22
N GLU B 354 -19.05 2.83 18.32
CA GLU B 354 -19.62 1.78 19.17
C GLU B 354 -20.66 0.97 18.40
N ARG B 355 -21.54 1.64 17.66
CA ARG B 355 -22.53 0.96 16.81
C ARG B 355 -21.95 0.15 15.68
N VAL B 356 -20.76 0.51 15.24
CA VAL B 356 -20.08 -0.22 14.18
C VAL B 356 -19.50 -1.49 14.79
N LEU B 357 -18.94 -1.41 16.01
CA LEU B 357 -18.39 -2.60 16.68
C LEU B 357 -19.37 -3.73 16.89
N GLU B 358 -20.65 -3.38 17.08
CA GLU B 358 -21.64 -4.36 17.49
C GLU B 358 -22.44 -5.05 16.34
N THR B 359 -22.11 -4.79 15.08
CA THR B 359 -22.64 -5.62 13.99
C THR B 359 -22.01 -7.02 14.02
ZN ZN C . 6.36 -21.32 -9.32
MG MG D . 8.78 -23.33 -11.47
C LQY E . 10.22 -11.68 -5.00
N LQY E . 18.70 -11.25 -4.56
O LQY E . 11.45 -11.71 -5.74
C1 LQY E . 11.59 -12.70 -6.68
N1 LQY E . 20.29 -10.14 -1.50
O1 LQY E . 18.13 -9.39 -5.68
C2 LQY E . 10.53 -13.44 -7.20
N2 LQY E . 13.46 -15.54 -10.28
O2 LQY E . 18.41 -9.29 -2.39
C3 LQY E . 10.78 -14.45 -8.12
N3 LQY E . 13.71 -16.37 -11.36
O3 LQY E . 13.35 -18.34 -12.50
C4 LQY E . 12.09 -14.73 -8.55
C5 LQY E . 13.14 -13.98 -8.01
C6 LQY E . 12.91 -12.98 -7.07
C7 LQY E . 14.11 -12.29 -6.48
C8 LQY E . 15.05 -13.03 -5.78
C9 LQY E . 16.23 -12.46 -5.35
C10 LQY E . 16.50 -11.11 -5.60
C11 LQY E . 15.55 -10.35 -6.28
C12 LQY E . 14.36 -10.94 -6.71
C13 LQY E . 17.84 -10.50 -5.26
C14 LQY E . 19.79 -10.66 -3.80
C15 LQY E . 19.43 -9.97 -2.50
C16 LQY E . 12.36 -15.72 -9.62
C17 LQY E . 14.66 -15.68 -12.25
C18 LQY E . 13.99 -14.35 -12.82
C19 LQY E . 14.84 -13.31 -13.54
C20 LQY E . 16.04 -12.79 -12.77
C21 LQY E . 17.31 -13.64 -12.87
C22 LQY E . 17.29 -15.11 -12.39
C23 LQY E . 16.10 -15.54 -11.53
C24 LQY E . 13.16 -17.63 -11.54
C25 LQY E . 12.20 -18.07 -10.44
C26 LQY E . 11.26 -19.23 -10.75
C27 LQY E . 10.09 -18.81 -11.58
C28 LQY E . 9.68 -17.54 -11.69
C29 LQY E . 10.43 -16.38 -11.09
C30 LQY E . 11.39 -16.83 -9.97
C FMT F . -18.18 -30.68 -21.03
O1 FMT F . -17.89 -31.01 -19.89
O2 FMT F . -18.36 -29.40 -21.31
C FMT G . -15.38 -34.26 -26.66
O1 FMT G . -16.05 -34.49 -25.67
O2 FMT G . -14.49 -33.28 -26.60
C FMT H . -9.37 -10.81 4.02
O1 FMT H . -8.86 -11.90 3.82
O2 FMT H . -9.35 -9.98 3.01
C GAI I . -8.04 -41.94 -15.78
N1 GAI I . -8.44 -42.98 -16.37
N2 GAI I . -8.99 -41.07 -15.41
N3 GAI I . -6.75 -41.67 -15.57
C GAI J . -19.72 -25.51 -19.89
N1 GAI J . -20.07 -26.48 -20.64
N2 GAI J . -18.65 -24.74 -20.26
N3 GAI J . -20.41 -25.29 -18.75
ZN ZN K . -0.44 17.47 10.08
MG MG L . 3.08 16.94 11.28
C LQY M . -8.18 9.74 12.91
N LQY M . -4.91 2.26 14.47
O LQY M . -7.23 9.07 13.74
C1 LQY M . -6.02 9.66 13.95
N1 LQY M . -6.81 -0.58 15.41
O1 LQY M . -5.75 2.66 16.50
C2 LQY M . -5.73 11.01 13.69
N2 LQY M . -1.51 10.59 15.78
O2 LQY M . -7.19 0.86 13.69
C3 LQY M . -4.48 11.53 13.96
N3 LQY M . -0.26 11.03 16.19
O3 LQY M . 1.61 12.35 15.92
C4 LQY M . -3.49 10.71 14.54
C5 LQY M . -3.78 9.37 14.79
C6 LQY M . -5.03 8.81 14.48
C7 LQY M . -5.18 7.33 14.62
C8 LQY M . -6.12 6.78 15.47
C9 LQY M . -6.13 5.42 15.75
C10 LQY M . -5.21 4.56 15.16
C11 LQY M . -4.27 5.11 14.30
C12 LQY M . -4.26 6.47 14.03
C13 LQY M . -5.30 3.09 15.43
C14 LQY M . -4.98 0.82 14.63
C15 LQY M . -6.42 0.35 14.53
C16 LQY M . -2.15 11.25 14.87
C17 LQY M . 0.10 10.41 17.48
C18 LQY M . -0.92 10.85 18.54
C19 LQY M . -0.55 10.45 19.96
C20 LQY M . -1.10 9.11 20.34
C21 LQY M . -0.69 7.93 19.49
C22 LQY M . 0.52 8.07 18.58
C23 LQY M . 0.26 8.84 17.29
C24 LQY M . 0.53 11.92 15.52
C25 LQY M . -0.03 12.39 14.19
C26 LQY M . 0.63 13.66 13.62
C27 LQY M . 0.17 14.86 14.39
C28 LQY M . -1.07 14.94 14.86
C29 LQY M . -2.04 13.75 15.00
C30 LQY M . -1.58 12.50 14.22
C GAI N . -21.50 25.61 13.19
N1 GAI N . -21.70 24.36 13.30
N2 GAI N . -21.56 26.18 12.00
N3 GAI N . -21.26 26.33 14.28
C1 GOL O . -9.80 39.77 14.18
O1 GOL O . -9.19 38.80 13.28
C2 GOL O . -10.78 40.93 13.96
O2 GOL O . -11.56 41.15 15.20
C3 GOL O . -11.76 41.13 12.86
O3 GOL O . -12.75 42.19 13.35
#